data_7R7X
#
_entry.id   7R7X
#
_cell.length_a   69.540
_cell.length_b   82.577
_cell.length_c   157.303
_cell.angle_alpha   90.000
_cell.angle_beta   90.000
_cell.angle_gamma   90.000
#
_symmetry.space_group_name_H-M   'P 21 21 21'
#
loop_
_entity.id
_entity.type
_entity.pdbx_description
1 polymer 'MHC class I antigen'
2 polymer Beta-2-microglobulin
3 polymer GLN-ALA-SER-GLN-GLU-VAL-LYS-ASN-TRP
4 non-polymer '2-(N-MORPHOLINO)-ETHANESULFONIC ACID'
5 non-polymer 'ISOPROPYL ALCOHOL'
6 water water
#
loop_
_entity_poly.entity_id
_entity_poly.type
_entity_poly.pdbx_seq_one_letter_code
_entity_poly.pdbx_strand_id
1 'polypeptide(L)'
;GSHSMRYFYTAMSRPGRGEPRFIAVGYVDDTQFVRFDSDAASPRMAPRAPWIEQEGPEYWDGETRNMKASAQTYRENLRI
ALRYYNQSEAGSHIIQVMYGCDVGPDGRLLRGHDQSAYDGKDYIALNEDLSSWTAADTAAQITQRKWEAARVAEQLRAYL
EGLCVEWLRRYLENGKETLQRADPPKTHVTHHPISDHEATLRCWALGFYPAEITLTWQRDGEDQTQDTELVETRPAGDRT
FQKWAAVVVPSGEEQRYTCHVQHEGLPKPLTLRWEPHH
;
A,C
2 'polypeptide(L)'
;MIQRTPKIQVYSRHPAENGKSNFLNCYVSGFHPSDIEVDLLKNGERIEKVEHSDLSFSKDWSFYLLYYTEFTPTEKDEYA
CRVNHVTLSQPKIVKWDRDM
;
B,D
3 'polypeptide(L)' QASQEVKNW E,F
#
# COMPACT_ATOMS: atom_id res chain seq x y z
N GLY A 1 2.04 40.45 4.00
CA GLY A 1 1.27 40.69 5.22
C GLY A 1 1.81 39.95 6.42
N SER A 2 0.93 39.25 7.13
CA SER A 2 1.31 38.49 8.32
C SER A 2 1.80 37.09 7.93
N HIS A 3 2.61 36.51 8.80
CA HIS A 3 3.15 35.18 8.59
C HIS A 3 3.26 34.46 9.92
N SER A 4 3.50 33.15 9.84
CA SER A 4 3.60 32.32 11.03
C SER A 4 4.49 31.13 10.76
N MET A 5 5.10 30.61 11.83
CA MET A 5 5.79 29.33 11.80
C MET A 5 5.19 28.45 12.89
N ARG A 6 5.03 27.16 12.58
CA ARG A 6 4.43 26.22 13.53
C ARG A 6 5.11 24.87 13.42
N TYR A 7 5.36 24.25 14.57
CA TYR A 7 5.76 22.86 14.65
C TYR A 7 4.65 22.06 15.31
N PHE A 8 4.41 20.85 14.80
CA PHE A 8 3.38 19.96 15.29
C PHE A 8 4.03 18.63 15.67
N TYR A 9 3.90 18.24 16.94
CA TYR A 9 4.39 16.94 17.40
C TYR A 9 3.21 16.01 17.66
N THR A 10 3.37 14.74 17.28
CA THR A 10 2.43 13.70 17.65
C THR A 10 3.20 12.53 18.24
N ALA A 11 2.92 12.20 19.50
CA ALA A 11 3.50 11.06 20.18
C ALA A 11 2.40 10.07 20.50
N MET A 12 2.57 8.82 20.09
CA MET A 12 1.50 7.84 20.19
C MET A 12 2.05 6.53 20.71
N SER A 13 1.53 6.06 21.83
CA SER A 13 1.91 4.76 22.35
C SER A 13 1.18 3.65 21.60
N ARG A 14 1.84 2.51 21.45
CA ARG A 14 1.30 1.36 20.73
C ARG A 14 1.56 0.10 21.54
N PRO A 15 0.91 -0.04 22.70
CA PRO A 15 1.23 -1.17 23.59
C PRO A 15 0.96 -2.51 22.90
N GLY A 16 1.94 -3.41 23.03
CA GLY A 16 1.85 -4.72 22.42
C GLY A 16 2.16 -4.77 20.94
N ARG A 17 2.35 -3.62 20.29
CA ARG A 17 2.70 -3.58 18.87
C ARG A 17 4.07 -2.98 18.61
N GLY A 18 4.57 -2.10 19.47
CA GLY A 18 5.88 -1.53 19.27
C GLY A 18 6.08 -0.34 20.19
N GLU A 19 7.28 0.24 20.09
CA GLU A 19 7.61 1.42 20.88
C GLU A 19 6.70 2.58 20.47
N PRO A 20 6.59 3.60 21.33
CA PRO A 20 5.78 4.76 20.96
C PRO A 20 6.40 5.52 19.81
N ARG A 21 5.55 5.91 18.86
CA ARG A 21 5.98 6.62 17.67
C ARG A 21 5.92 8.13 17.91
N PHE A 22 6.86 8.85 17.28
CA PHE A 22 6.96 10.30 17.39
C PHE A 22 7.09 10.88 15.99
N ILE A 23 6.17 11.76 15.62
CA ILE A 23 6.17 12.39 14.31
C ILE A 23 6.12 13.90 14.51
N ALA A 24 7.04 14.61 13.84
CA ALA A 24 7.08 16.06 13.90
C ALA A 24 7.03 16.62 12.48
N VAL A 25 6.30 17.73 12.32
CA VAL A 25 6.27 18.47 11.06
C VAL A 25 6.38 19.95 11.38
N GLY A 26 6.97 20.69 10.45
CA GLY A 26 7.09 22.14 10.57
C GLY A 26 6.46 22.82 9.37
N TYR A 27 5.80 23.95 9.63
CA TYR A 27 5.09 24.72 8.62
C TYR A 27 5.49 26.19 8.69
N VAL A 28 5.65 26.81 7.52
CA VAL A 28 5.66 28.26 7.38
C VAL A 28 4.39 28.63 6.65
N ASP A 29 3.52 29.38 7.31
CA ASP A 29 2.17 29.62 6.81
C ASP A 29 1.51 28.29 6.48
N ASP A 30 1.07 28.10 5.23
CA ASP A 30 0.42 26.87 4.82
C ASP A 30 1.37 25.94 4.04
N THR A 31 2.67 26.08 4.24
CA THR A 31 3.67 25.30 3.50
C THR A 31 4.49 24.48 4.49
N GLN A 32 4.39 23.15 4.41
CA GLN A 32 5.24 22.30 5.22
C GLN A 32 6.66 22.31 4.68
N PHE A 33 7.64 22.37 5.57
CA PHE A 33 9.03 22.43 5.14
C PHE A 33 9.95 21.41 5.80
N VAL A 34 9.55 20.77 6.90
CA VAL A 34 10.36 19.72 7.52
C VAL A 34 9.45 18.64 8.07
N ARG A 35 10.05 17.46 8.31
CA ARG A 35 9.34 16.34 8.92
C ARG A 35 10.35 15.44 9.62
N PHE A 36 9.86 14.74 10.64
CA PHE A 36 10.62 13.73 11.36
C PHE A 36 9.69 12.60 11.72
N ASP A 37 10.16 11.36 11.58
CA ASP A 37 9.38 10.17 11.89
C ASP A 37 10.28 9.17 12.60
N SER A 38 10.02 8.91 13.88
CA SER A 38 10.83 8.00 14.65
C SER A 38 10.77 6.56 14.14
N ASP A 39 9.79 6.25 13.29
CA ASP A 39 9.66 4.91 12.72
C ASP A 39 10.57 4.69 11.52
N ALA A 40 11.20 5.72 11.00
CA ALA A 40 12.08 5.56 9.84
C ALA A 40 13.29 4.74 10.22
N ALA A 41 13.90 4.10 9.20
CA ALA A 41 15.09 3.29 9.43
C ALA A 41 16.21 4.15 10.01
N SER A 42 16.43 5.34 9.43
CA SER A 42 17.37 6.33 9.95
C SER A 42 16.58 7.59 10.26
N PRO A 43 16.05 7.71 11.47
CA PRO A 43 15.21 8.89 11.81
C PRO A 43 16.00 10.18 11.67
N ARG A 44 15.48 11.07 10.83
CA ARG A 44 16.17 12.32 10.51
C ARG A 44 15.13 13.39 10.25
N MET A 45 15.42 14.62 10.68
CA MET A 45 14.66 15.75 10.20
C MET A 45 15.01 15.96 8.72
N ALA A 46 13.98 15.95 7.87
CA ALA A 46 14.20 15.93 6.43
C ALA A 46 13.50 17.10 5.76
N PRO A 47 14.04 17.61 4.66
CA PRO A 47 13.39 18.72 3.97
C PRO A 47 12.11 18.30 3.26
N ARG A 48 11.13 19.20 3.26
CA ARG A 48 9.87 18.98 2.55
C ARG A 48 9.49 20.16 1.67
N ALA A 49 10.36 21.15 1.53
CA ALA A 49 10.15 22.28 0.65
C ALA A 49 11.48 22.63 0.00
N PRO A 50 11.45 23.16 -1.22
CA PRO A 50 12.73 23.46 -1.90
C PRO A 50 13.57 24.50 -1.17
N TRP A 51 12.95 25.53 -0.60
CA TRP A 51 13.74 26.63 -0.05
C TRP A 51 14.44 26.27 1.25
N ILE A 52 14.13 25.12 1.86
CA ILE A 52 14.83 24.71 3.09
C ILE A 52 16.04 23.82 2.81
N GLU A 53 16.21 23.35 1.57
CA GLU A 53 17.29 22.43 1.27
C GLU A 53 18.66 23.09 1.38
N GLN A 54 18.72 24.42 1.20
CA GLN A 54 20.00 25.12 1.24
C GLN A 54 20.63 25.16 2.63
N GLU A 55 19.91 24.73 3.66
CA GLU A 55 20.49 24.69 5.01
C GLU A 55 21.59 23.63 5.07
N GLY A 56 22.67 23.96 5.79
CA GLY A 56 23.83 23.11 5.85
C GLY A 56 23.65 21.92 6.76
N PRO A 57 24.69 21.08 6.80
CA PRO A 57 24.59 19.84 7.61
C PRO A 57 24.46 20.09 9.10
N GLU A 58 24.99 21.20 9.61
CA GLU A 58 24.84 21.50 11.03
C GLU A 58 23.38 21.69 11.39
N TYR A 59 22.62 22.37 10.53
CA TYR A 59 21.18 22.54 10.76
C TYR A 59 20.47 21.20 10.81
N TRP A 60 20.69 20.35 9.80
CA TRP A 60 19.97 19.08 9.73
C TRP A 60 20.41 18.13 10.84
N ASP A 61 21.70 18.11 11.17
CA ASP A 61 22.17 17.29 12.28
C ASP A 61 21.61 17.81 13.61
N GLY A 62 21.57 19.13 13.79
CA GLY A 62 21.01 19.69 15.00
C GLY A 62 19.53 19.44 15.14
N GLU A 63 18.76 19.62 14.06
CA GLU A 63 17.33 19.33 14.10
C GLU A 63 17.07 17.87 14.42
N THR A 64 17.89 16.98 13.85
CA THR A 64 17.73 15.55 14.09
C THR A 64 18.01 15.18 15.54
N ARG A 65 19.06 15.77 16.13
CA ARG A 65 19.36 15.51 17.54
C ARG A 65 18.22 15.97 18.43
N ASN A 66 17.69 17.17 18.17
CA ASN A 66 16.55 17.68 18.93
C ASN A 66 15.36 16.74 18.81
N MET A 67 15.03 16.32 17.59
CA MET A 67 13.85 15.47 17.39
C MET A 67 14.02 14.11 18.05
N LYS A 68 15.23 13.57 18.05
CA LYS A 68 15.46 12.29 18.72
C LYS A 68 15.30 12.43 20.23
N ALA A 69 15.84 13.51 20.79
CA ALA A 69 15.68 13.73 22.23
C ALA A 69 14.23 14.06 22.57
N SER A 70 13.56 14.86 21.74
CA SER A 70 12.15 15.14 21.96
C SER A 70 11.32 13.86 21.97
N ALA A 71 11.65 12.91 21.08
CA ALA A 71 10.90 11.66 21.03
C ALA A 71 11.03 10.88 22.32
N GLN A 72 12.24 10.84 22.89
CA GLN A 72 12.43 10.20 24.18
C GLN A 72 11.64 10.91 25.27
N THR A 73 11.65 12.25 25.24
CA THR A 73 10.93 13.03 26.24
C THR A 73 9.44 12.72 26.22
N TYR A 74 8.85 12.61 25.02
CA TYR A 74 7.41 12.39 24.94
C TYR A 74 7.04 10.93 25.13
N ARG A 75 7.97 10.00 24.90
CA ARG A 75 7.76 8.64 25.36
C ARG A 75 7.60 8.61 26.88
N GLU A 76 8.43 9.38 27.58
CA GLU A 76 8.33 9.46 29.03
C GLU A 76 7.09 10.24 29.44
N ASN A 77 6.74 11.29 28.69
CA ASN A 77 5.53 12.06 29.01
C ASN A 77 4.28 11.19 28.89
N LEU A 78 4.27 10.25 27.95
CA LEU A 78 3.13 9.35 27.82
C LEU A 78 2.98 8.48 29.07
N ARG A 79 4.10 8.02 29.61
CA ARG A 79 4.07 7.23 30.85
C ARG A 79 3.58 8.09 32.01
N ILE A 80 4.03 9.34 32.09
CA ILE A 80 3.60 10.24 33.15
C ILE A 80 2.10 10.47 33.07
N ALA A 81 1.57 10.63 31.86
CA ALA A 81 0.14 10.84 31.69
C ALA A 81 -0.67 9.66 32.21
N LEU A 82 -0.17 8.43 32.02
CA LEU A 82 -0.83 7.26 32.59
C LEU A 82 -0.92 7.39 34.11
N ARG A 83 0.14 7.90 34.74
CA ARG A 83 0.12 8.13 36.18
C ARG A 83 -0.96 9.14 36.56
N TYR A 84 -0.99 10.28 35.88
CA TYR A 84 -1.88 11.37 36.29
C TYR A 84 -3.34 10.98 36.11
N TYR A 85 -3.65 10.22 35.07
CA TYR A 85 -5.02 9.84 34.77
C TYR A 85 -5.39 8.46 35.26
N ASN A 86 -4.44 7.76 35.90
CA ASN A 86 -4.67 6.40 36.42
C ASN A 86 -5.20 5.47 35.32
N GLN A 87 -4.49 5.46 34.20
CA GLN A 87 -4.83 4.60 33.07
C GLN A 87 -3.88 3.42 33.00
N SER A 88 -4.35 2.36 32.34
CA SER A 88 -3.59 1.13 32.29
C SER A 88 -2.57 1.17 31.15
N GLU A 89 -1.70 0.17 31.13
CA GLU A 89 -0.72 0.02 30.06
C GLU A 89 -1.31 -0.57 28.80
N ALA A 90 -2.57 -1.00 28.82
CA ALA A 90 -3.13 -1.72 27.68
C ALA A 90 -3.55 -0.78 26.55
N GLY A 91 -3.92 0.46 26.86
CA GLY A 91 -4.50 1.34 25.87
C GLY A 91 -3.48 2.20 25.14
N SER A 92 -3.82 2.56 23.91
CA SER A 92 -3.01 3.46 23.10
CA SER A 92 -3.01 3.46 23.10
C SER A 92 -3.44 4.90 23.36
N HIS A 93 -2.47 5.77 23.59
CA HIS A 93 -2.75 7.17 23.91
C HIS A 93 -1.88 8.09 23.07
N ILE A 94 -2.29 9.35 22.99
CA ILE A 94 -1.68 10.30 22.06
C ILE A 94 -1.45 11.63 22.77
N ILE A 95 -0.22 12.12 22.71
CA ILE A 95 0.12 13.49 23.07
C ILE A 95 0.36 14.27 21.78
N GLN A 96 -0.24 15.45 21.68
CA GLN A 96 -0.01 16.36 20.56
C GLN A 96 0.48 17.71 21.08
N VAL A 97 1.40 18.32 20.35
CA VAL A 97 1.96 19.62 20.70
C VAL A 97 2.01 20.47 19.45
N MET A 98 1.59 21.73 19.56
CA MET A 98 1.80 22.70 18.51
C MET A 98 2.28 24.00 19.12
N TYR A 99 3.30 24.59 18.51
CA TYR A 99 3.90 25.81 19.02
C TYR A 99 4.50 26.60 17.86
N GLY A 100 4.64 27.90 18.07
CA GLY A 100 5.22 28.74 17.04
C GLY A 100 4.87 30.20 17.28
N CYS A 101 5.24 31.01 16.28
CA CYS A 101 5.15 32.45 16.38
C CYS A 101 4.37 33.03 15.20
N ASP A 102 3.59 34.07 15.48
CA ASP A 102 2.92 34.87 14.45
C ASP A 102 3.58 36.24 14.40
N VAL A 103 3.94 36.69 13.20
CA VAL A 103 4.57 37.99 13.03
C VAL A 103 3.72 38.83 12.09
N GLY A 104 3.81 40.15 12.27
CA GLY A 104 3.09 41.08 11.43
C GLY A 104 3.89 41.46 10.20
N PRO A 105 3.36 42.42 9.42
CA PRO A 105 4.11 42.87 8.23
C PRO A 105 5.47 43.46 8.56
N ASP A 106 5.62 44.06 9.74
CA ASP A 106 6.87 44.65 10.18
C ASP A 106 7.89 43.63 10.67
N GLY A 107 7.60 42.34 10.54
CA GLY A 107 8.45 41.31 11.11
C GLY A 107 8.44 41.24 12.61
N ARG A 108 7.62 42.05 13.28
CA ARG A 108 7.53 42.04 14.73
C ARG A 108 6.61 40.92 15.19
N LEU A 109 6.99 40.27 16.30
CA LEU A 109 6.16 39.21 16.86
C LEU A 109 4.79 39.73 17.26
N LEU A 110 3.74 39.08 16.77
CA LEU A 110 2.37 39.39 17.15
C LEU A 110 1.88 38.51 18.30
N ARG A 111 2.22 37.22 18.28
CA ARG A 111 1.71 36.28 19.25
C ARG A 111 2.51 35.00 19.18
N GLY A 112 2.85 34.45 20.34
CA GLY A 112 3.47 33.15 20.45
C GLY A 112 2.47 32.12 20.92
N HIS A 113 2.71 30.87 20.56
CA HIS A 113 1.83 29.76 20.92
C HIS A 113 2.65 28.59 21.43
N ASP A 114 2.11 27.90 22.42
CA ASP A 114 2.69 26.61 22.85
C ASP A 114 1.57 25.83 23.53
N GLN A 115 0.90 24.98 22.75
CA GLN A 115 -0.28 24.25 23.19
C GLN A 115 -0.01 22.75 23.17
N SER A 116 -0.47 22.06 24.21
CA SER A 116 -0.36 20.61 24.31
C SER A 116 -1.74 20.00 24.52
N ALA A 117 -1.90 18.78 24.02
CA ALA A 117 -3.13 18.02 24.16
C ALA A 117 -2.81 16.58 24.55
N TYR A 118 -3.77 15.95 25.21
CA TYR A 118 -3.70 14.53 25.54
C TYR A 118 -4.96 13.86 25.04
N ASP A 119 -4.79 12.81 24.23
CA ASP A 119 -5.91 12.11 23.61
C ASP A 119 -6.89 13.07 22.96
N GLY A 120 -6.36 14.08 22.24
CA GLY A 120 -7.17 14.94 21.42
C GLY A 120 -7.92 16.02 22.14
N LYS A 121 -7.64 16.25 23.42
CA LYS A 121 -8.26 17.30 24.21
C LYS A 121 -7.19 18.21 24.77
N ASP A 122 -7.51 19.51 24.85
CA ASP A 122 -6.65 20.50 25.49
C ASP A 122 -6.07 19.96 26.79
N TYR A 123 -4.76 20.07 26.94
CA TYR A 123 -4.07 19.69 28.17
C TYR A 123 -3.50 20.91 28.87
N ILE A 124 -2.50 21.57 28.28
CA ILE A 124 -1.94 22.78 28.85
C ILE A 124 -1.50 23.69 27.71
N ALA A 125 -1.62 25.00 27.92
CA ALA A 125 -1.30 25.98 26.91
C ALA A 125 -0.58 27.17 27.52
N LEU A 126 0.46 27.63 26.85
CA LEU A 126 1.09 28.90 27.19
C LEU A 126 0.15 30.05 26.86
N ASN A 127 -0.04 30.96 27.82
CA ASN A 127 -0.94 32.06 27.60
C ASN A 127 -0.30 33.13 26.73
N GLU A 128 -1.16 34.05 26.25
CA GLU A 128 -0.72 35.12 25.37
C GLU A 128 0.39 35.97 25.98
N ASP A 129 0.44 36.06 27.32
CA ASP A 129 1.51 36.80 27.98
C ASP A 129 2.87 36.13 27.84
N LEU A 130 2.91 34.88 27.36
CA LEU A 130 4.14 34.09 27.26
C LEU A 130 4.84 33.98 28.61
N SER A 131 4.07 34.03 29.69
CA SER A 131 4.64 33.90 31.03
C SER A 131 3.81 33.06 31.98
N SER A 132 2.53 32.80 31.70
CA SER A 132 1.69 31.97 32.53
C SER A 132 1.04 30.90 31.67
N TRP A 133 0.47 29.89 32.34
CA TRP A 133 -0.08 28.71 31.69
C TRP A 133 -1.58 28.61 31.98
N THR A 134 -2.28 27.88 31.11
CA THR A 134 -3.67 27.52 31.32
C THR A 134 -3.78 26.00 31.25
N ALA A 135 -4.11 25.38 32.37
CA ALA A 135 -4.30 23.93 32.45
C ALA A 135 -5.77 23.60 32.30
N ALA A 136 -6.07 22.54 31.54
CA ALA A 136 -7.45 22.17 31.26
C ALA A 136 -8.07 21.30 32.35
N ASP A 137 -7.26 20.58 33.13
CA ASP A 137 -7.81 19.72 34.17
C ASP A 137 -6.80 19.63 35.31
N THR A 138 -7.14 18.82 36.32
CA THR A 138 -6.29 18.73 37.50
C THR A 138 -5.01 17.98 37.23
N ALA A 139 -5.01 17.07 36.25
CA ALA A 139 -3.77 16.42 35.84
C ALA A 139 -2.80 17.43 35.26
N ALA A 140 -3.27 18.27 34.34
CA ALA A 140 -2.41 19.27 33.74
C ALA A 140 -1.95 20.33 34.74
N GLN A 141 -2.67 20.52 35.84
CA GLN A 141 -2.19 21.43 36.88
C GLN A 141 -0.96 20.87 37.57
N ILE A 142 -0.82 19.54 37.63
CA ILE A 142 0.43 18.95 38.12
C ILE A 142 1.58 19.37 37.22
N THR A 143 1.41 19.21 35.91
CA THR A 143 2.44 19.65 34.96
C THR A 143 2.70 21.15 35.10
N GLN A 144 1.63 21.94 35.23
CA GLN A 144 1.77 23.38 35.34
C GLN A 144 2.68 23.78 36.49
N ARG A 145 2.47 23.17 37.66
CA ARG A 145 3.30 23.50 38.81
C ARG A 145 4.76 23.16 38.56
N LYS A 146 5.02 22.03 37.89
CA LYS A 146 6.40 21.67 37.55
C LYS A 146 7.01 22.69 36.60
N TRP A 147 6.24 23.16 35.62
CA TRP A 147 6.76 24.11 34.64
C TRP A 147 6.93 25.50 35.23
N GLU A 148 6.06 25.90 36.16
CA GLU A 148 6.27 27.14 36.89
C GLU A 148 7.55 27.06 37.72
N ALA A 149 7.76 25.94 38.41
CA ALA A 149 8.93 25.79 39.26
C ALA A 149 10.22 25.77 38.44
N ALA A 150 10.19 25.15 37.27
CA ALA A 150 11.36 25.07 36.41
C ALA A 150 11.50 26.24 35.45
N ARG A 151 10.62 27.25 35.56
CA ARG A 151 10.68 28.45 34.74
C ARG A 151 10.66 28.13 33.25
N VAL A 152 9.80 27.17 32.88
CA VAL A 152 9.72 26.72 31.48
C VAL A 152 9.22 27.85 30.58
N ALA A 153 8.25 28.63 31.05
CA ALA A 153 7.67 29.67 30.22
C ALA A 153 8.70 30.71 29.81
N GLU A 154 9.67 31.01 30.67
CA GLU A 154 10.71 31.97 30.30
C GLU A 154 11.54 31.44 29.15
N GLN A 155 11.84 30.14 29.15
CA GLN A 155 12.62 29.56 28.07
C GLN A 155 11.85 29.59 26.75
N LEU A 156 10.55 29.33 26.80
CA LEU A 156 9.76 29.34 25.57
C LEU A 156 9.52 30.77 25.08
N ARG A 157 9.33 31.71 26.01
CA ARG A 157 9.25 33.11 25.60
C ARG A 157 10.51 33.54 24.86
N ALA A 158 11.67 33.11 25.35
CA ALA A 158 12.93 33.44 24.67
C ALA A 158 12.99 32.84 23.27
N TYR A 159 12.51 31.61 23.11
CA TYR A 159 12.48 31.00 21.79
C TYR A 159 11.48 31.71 20.88
N LEU A 160 10.26 31.91 21.37
CA LEU A 160 9.20 32.48 20.54
C LEU A 160 9.53 33.92 20.12
N GLU A 161 10.14 34.69 21.03
CA GLU A 161 10.50 36.07 20.71
C GLU A 161 11.76 36.17 19.88
N GLY A 162 12.67 35.21 20.00
CA GLY A 162 13.94 35.30 19.32
C GLY A 162 14.07 34.37 18.13
N LEU A 163 14.52 33.14 18.38
CA LEU A 163 14.86 32.22 17.30
C LEU A 163 13.66 31.93 16.39
N CYS A 164 12.47 31.82 16.97
CA CYS A 164 11.28 31.57 16.15
C CYS A 164 11.08 32.69 15.13
N VAL A 165 11.12 33.94 15.59
CA VAL A 165 10.91 35.08 14.69
C VAL A 165 12.07 35.19 13.70
N GLU A 166 13.30 35.01 14.16
CA GLU A 166 14.46 35.18 13.30
C GLU A 166 14.50 34.13 12.20
N TRP A 167 14.25 32.86 12.55
CA TRP A 167 14.27 31.81 11.55
C TRP A 167 13.13 31.96 10.56
N LEU A 168 11.96 32.38 11.04
CA LEU A 168 10.81 32.57 10.16
C LEU A 168 11.08 33.68 9.14
N ARG A 169 11.61 34.83 9.61
CA ARG A 169 11.97 35.89 8.68
C ARG A 169 12.99 35.41 7.66
N ARG A 170 13.89 34.52 8.06
CA ARG A 170 14.89 33.99 7.15
C ARG A 170 14.28 32.97 6.18
N TYR A 171 13.42 32.08 6.68
CA TYR A 171 12.72 31.16 5.79
C TYR A 171 11.89 31.93 4.77
N LEU A 172 11.23 33.00 5.21
CA LEU A 172 10.42 33.80 4.30
C LEU A 172 11.26 34.42 3.19
N GLU A 173 12.49 34.84 3.51
CA GLU A 173 13.37 35.41 2.50
C GLU A 173 13.86 34.34 1.54
N ASN A 174 14.32 33.20 2.09
CA ASN A 174 14.85 32.14 1.23
C ASN A 174 13.78 31.57 0.31
N GLY A 175 12.52 31.56 0.74
CA GLY A 175 11.44 31.07 -0.10
C GLY A 175 10.48 32.17 -0.53
N LYS A 176 11.01 33.37 -0.73
CA LYS A 176 10.17 34.52 -1.06
C LYS A 176 9.37 34.30 -2.33
N GLU A 177 9.92 33.59 -3.30
CA GLU A 177 9.25 33.43 -4.59
C GLU A 177 7.96 32.62 -4.48
N THR A 178 7.82 31.81 -3.43
CA THR A 178 6.60 31.04 -3.20
C THR A 178 5.86 31.46 -1.94
N LEU A 179 6.58 31.77 -0.86
CA LEU A 179 5.93 32.05 0.42
C LEU A 179 5.32 33.44 0.46
N GLN A 180 5.97 34.43 -0.15
CA GLN A 180 5.44 35.79 -0.21
C GLN A 180 4.83 36.11 -1.56
N ARG A 181 4.37 35.08 -2.28
CA ARG A 181 3.72 35.21 -3.58
C ARG A 181 2.35 34.56 -3.45
N ALA A 182 1.30 35.37 -3.54
CA ALA A 182 -0.07 34.87 -3.41
C ALA A 182 -0.62 34.53 -4.79
N ASP A 183 -1.03 33.28 -4.97
CA ASP A 183 -1.61 32.84 -6.23
C ASP A 183 -3.12 32.96 -6.15
N PRO A 184 -3.76 33.76 -7.01
CA PRO A 184 -5.21 33.88 -6.96
C PRO A 184 -5.86 32.59 -7.45
N PRO A 185 -7.06 32.29 -6.99
CA PRO A 185 -7.75 31.10 -7.49
C PRO A 185 -8.18 31.27 -8.94
N LYS A 186 -8.17 30.16 -9.67
CA LYS A 186 -8.84 30.09 -10.95
C LYS A 186 -10.20 29.48 -10.72
N THR A 187 -11.24 30.16 -11.21
CA THR A 187 -12.60 29.91 -10.77
C THR A 187 -13.51 29.65 -11.96
N HIS A 188 -14.55 28.85 -11.72
CA HIS A 188 -15.60 28.65 -12.69
C HIS A 188 -16.78 27.98 -12.00
N VAL A 189 -17.94 28.07 -12.65
CA VAL A 189 -19.19 27.52 -12.14
C VAL A 189 -19.61 26.37 -13.05
N THR A 190 -19.96 25.23 -12.46
CA THR A 190 -20.47 24.10 -13.19
C THR A 190 -21.95 23.88 -12.87
N HIS A 191 -22.62 23.19 -13.77
CA HIS A 191 -24.07 22.97 -13.71
C HIS A 191 -24.34 21.49 -13.89
N HIS A 192 -25.07 20.89 -12.95
CA HIS A 192 -25.31 19.44 -12.96
C HIS A 192 -26.78 19.17 -12.69
N PRO A 193 -27.56 18.86 -13.72
CA PRO A 193 -28.98 18.56 -13.51
C PRO A 193 -29.16 17.40 -12.55
N ILE A 194 -30.05 17.60 -11.57
CA ILE A 194 -30.44 16.52 -10.65
C ILE A 194 -31.67 15.80 -11.19
N SER A 195 -32.64 16.57 -11.66
CA SER A 195 -33.82 16.05 -12.33
C SER A 195 -34.13 17.02 -13.48
N ASP A 196 -35.33 16.95 -14.02
CA ASP A 196 -35.74 17.93 -15.03
C ASP A 196 -36.16 19.25 -14.41
N HIS A 197 -36.23 19.33 -13.07
CA HIS A 197 -36.68 20.53 -12.38
C HIS A 197 -35.68 21.11 -11.40
N GLU A 198 -34.56 20.43 -11.16
CA GLU A 198 -33.57 20.88 -10.19
C GLU A 198 -32.18 20.64 -10.76
N ALA A 199 -31.23 21.49 -10.34
CA ALA A 199 -29.86 21.38 -10.79
C ALA A 199 -28.92 21.88 -9.70
N THR A 200 -27.74 21.29 -9.65
CA THR A 200 -26.68 21.75 -8.77
C THR A 200 -25.83 22.81 -9.48
N LEU A 201 -25.64 23.94 -8.83
CA LEU A 201 -24.64 24.93 -9.23
C LEU A 201 -23.45 24.76 -8.30
N ARG A 202 -22.27 24.49 -8.85
CA ARG A 202 -21.06 24.33 -8.07
C ARG A 202 -20.06 25.39 -8.48
N CYS A 203 -19.60 26.18 -7.52
CA CYS A 203 -18.62 27.23 -7.76
C CYS A 203 -17.25 26.73 -7.32
N TRP A 204 -16.30 26.73 -8.24
CA TRP A 204 -14.98 26.14 -8.03
C TRP A 204 -13.94 27.22 -7.80
N ALA A 205 -12.95 26.89 -6.94
CA ALA A 205 -11.75 27.70 -6.78
C ALA A 205 -10.57 26.74 -6.72
N LEU A 206 -9.63 26.91 -7.66
CA LEU A 206 -8.52 25.97 -7.83
C LEU A 206 -7.18 26.71 -7.86
N GLY A 207 -6.15 26.01 -7.42
CA GLY A 207 -4.79 26.48 -7.59
C GLY A 207 -4.44 27.75 -6.83
N PHE A 208 -5.04 27.98 -5.68
CA PHE A 208 -4.77 29.20 -4.93
C PHE A 208 -3.89 28.92 -3.72
N TYR A 209 -3.16 29.97 -3.31
CA TYR A 209 -2.33 29.96 -2.11
C TYR A 209 -2.24 31.39 -1.61
N PRO A 210 -2.35 31.65 -0.29
CA PRO A 210 -2.56 30.66 0.78
C PRO A 210 -3.98 30.10 0.85
N ALA A 211 -4.23 29.26 1.86
CA ALA A 211 -5.44 28.45 1.88
C ALA A 211 -6.67 29.26 2.24
N GLU A 212 -6.50 30.37 2.97
CA GLU A 212 -7.64 31.17 3.39
C GLU A 212 -8.39 31.70 2.18
N ILE A 213 -9.70 31.46 2.16
CA ILE A 213 -10.54 31.85 1.04
C ILE A 213 -11.98 31.90 1.51
N THR A 214 -12.81 32.68 0.81
CA THR A 214 -14.24 32.80 1.11
C THR A 214 -15.02 32.53 -0.17
N LEU A 215 -15.86 31.50 -0.15
CA LEU A 215 -16.76 31.16 -1.23
C LEU A 215 -18.20 31.24 -0.72
N THR A 216 -19.04 32.03 -1.38
CA THR A 216 -20.43 32.15 -0.97
C THR A 216 -21.33 32.20 -2.20
N TRP A 217 -22.53 31.65 -2.06
CA TRP A 217 -23.56 31.72 -3.07
C TRP A 217 -24.60 32.76 -2.65
N GLN A 218 -24.99 33.61 -3.59
CA GLN A 218 -26.06 34.57 -3.37
C GLN A 218 -27.18 34.33 -4.38
N ARG A 219 -28.41 34.58 -3.94
CA ARG A 219 -29.59 34.52 -4.82
C ARG A 219 -30.28 35.88 -4.73
N ASP A 220 -30.27 36.62 -5.85
CA ASP A 220 -30.75 38.00 -5.86
C ASP A 220 -30.04 38.84 -4.81
N GLY A 221 -28.73 38.61 -4.67
CA GLY A 221 -27.92 39.32 -3.71
C GLY A 221 -28.08 38.89 -2.27
N GLU A 222 -28.85 37.84 -2.01
CA GLU A 222 -29.10 37.37 -0.66
C GLU A 222 -28.25 36.14 -0.39
N ASP A 223 -27.56 36.15 0.76
CA ASP A 223 -26.65 35.05 1.09
C ASP A 223 -27.42 33.75 1.31
N GLN A 224 -26.85 32.65 0.81
CA GLN A 224 -27.48 31.33 0.86
C GLN A 224 -26.66 30.34 1.69
N THR A 225 -26.02 30.82 2.76
CA THR A 225 -25.11 29.97 3.52
C THR A 225 -25.81 28.72 4.07
N GLN A 226 -27.07 28.88 4.51
CA GLN A 226 -27.79 27.76 5.10
C GLN A 226 -28.10 26.66 4.08
N ASP A 227 -28.15 26.99 2.79
CA ASP A 227 -28.44 26.01 1.75
C ASP A 227 -27.21 25.67 0.91
N THR A 228 -26.03 26.13 1.32
CA THR A 228 -24.80 25.89 0.56
C THR A 228 -24.03 24.72 1.17
N GLU A 229 -23.66 23.77 0.32
CA GLU A 229 -22.70 22.74 0.72
C GLU A 229 -21.29 23.25 0.42
N LEU A 230 -20.49 23.43 1.46
CA LEU A 230 -19.16 24.01 1.37
C LEU A 230 -18.15 22.97 1.84
N VAL A 231 -17.37 22.42 0.91
CA VAL A 231 -16.39 21.42 1.29
C VAL A 231 -15.21 22.10 1.99
N GLU A 232 -14.49 21.31 2.77
CA GLU A 232 -13.26 21.79 3.38
C GLU A 232 -12.24 22.15 2.31
N THR A 233 -11.52 23.24 2.53
CA THR A 233 -10.37 23.55 1.68
C THR A 233 -9.40 22.38 1.71
N ARG A 234 -8.98 21.95 0.53
CA ARG A 234 -8.24 20.71 0.36
C ARG A 234 -6.96 20.94 -0.41
N PRO A 235 -5.89 20.21 -0.10
CA PRO A 235 -4.61 20.39 -0.82
C PRO A 235 -4.66 19.75 -2.19
N ALA A 236 -4.20 20.48 -3.20
CA ALA A 236 -4.11 19.93 -4.54
C ALA A 236 -2.94 18.97 -4.69
N GLY A 237 -1.95 19.04 -3.79
CA GLY A 237 -0.77 18.21 -3.85
C GLY A 237 0.47 18.92 -4.36
N ASP A 238 0.30 20.09 -4.98
CA ASP A 238 1.40 20.89 -5.49
C ASP A 238 1.60 22.17 -4.68
N ARG A 239 1.22 22.12 -3.40
CA ARG A 239 1.28 23.25 -2.47
C ARG A 239 0.28 24.35 -2.82
N THR A 240 -0.71 24.06 -3.66
CA THR A 240 -1.87 24.92 -3.84
C THR A 240 -3.11 24.23 -3.27
N PHE A 241 -4.22 24.95 -3.24
CA PHE A 241 -5.42 24.49 -2.56
C PHE A 241 -6.63 24.60 -3.47
N GLN A 242 -7.67 23.84 -3.12
CA GLN A 242 -8.94 23.84 -3.84
C GLN A 242 -10.10 23.96 -2.85
N LYS A 243 -11.23 24.42 -3.37
CA LYS A 243 -12.47 24.51 -2.59
C LYS A 243 -13.63 24.68 -3.56
N TRP A 244 -14.79 24.14 -3.19
CA TRP A 244 -16.00 24.47 -3.94
C TRP A 244 -17.19 24.62 -3.00
N ALA A 245 -18.21 25.32 -3.50
CA ALA A 245 -19.47 25.54 -2.82
C ALA A 245 -20.60 25.27 -3.80
N ALA A 246 -21.61 24.54 -3.35
CA ALA A 246 -22.70 24.13 -4.24
C ALA A 246 -24.05 24.42 -3.61
N VAL A 247 -25.01 24.78 -4.47
CA VAL A 247 -26.40 24.98 -4.08
C VAL A 247 -27.28 24.23 -5.06
N VAL A 248 -28.40 23.71 -4.56
CA VAL A 248 -29.41 23.09 -5.40
C VAL A 248 -30.44 24.17 -5.74
N VAL A 249 -30.60 24.45 -7.03
CA VAL A 249 -31.49 25.53 -7.46
C VAL A 249 -32.62 24.96 -8.30
N PRO A 250 -33.80 25.58 -8.28
CA PRO A 250 -34.86 25.15 -9.19
C PRO A 250 -34.53 25.55 -10.62
N SER A 251 -34.82 24.65 -11.55
CA SER A 251 -34.56 24.92 -12.96
C SER A 251 -35.24 26.22 -13.37
N GLY A 252 -34.47 27.09 -14.04
CA GLY A 252 -34.95 28.39 -14.46
C GLY A 252 -34.47 29.55 -13.60
N GLU A 253 -33.96 29.27 -12.40
CA GLU A 253 -33.49 30.29 -11.49
C GLU A 253 -31.98 30.44 -11.49
N GLU A 254 -31.27 29.72 -12.37
CA GLU A 254 -29.82 29.65 -12.28
C GLU A 254 -29.17 31.02 -12.42
N GLN A 255 -29.68 31.87 -13.32
CA GLN A 255 -29.02 33.15 -13.55
C GLN A 255 -29.24 34.15 -12.43
N ARG A 256 -30.09 33.84 -11.46
CA ARG A 256 -30.25 34.68 -10.28
C ARG A 256 -29.25 34.34 -9.18
N TYR A 257 -28.41 33.34 -9.39
CA TYR A 257 -27.41 32.92 -8.41
C TYR A 257 -26.04 33.43 -8.83
N THR A 258 -25.33 34.01 -7.87
CA THR A 258 -23.98 34.52 -8.10
C THR A 258 -23.04 33.92 -7.08
N CYS A 259 -21.84 33.55 -7.54
CA CYS A 259 -20.78 33.09 -6.65
C CYS A 259 -19.80 34.23 -6.40
N HIS A 260 -19.39 34.39 -5.15
CA HIS A 260 -18.51 35.47 -4.74
C HIS A 260 -17.26 34.88 -4.11
N VAL A 261 -16.10 35.23 -4.66
CA VAL A 261 -14.83 34.65 -4.27
C VAL A 261 -13.95 35.76 -3.69
N GLN A 262 -13.46 35.55 -2.47
CA GLN A 262 -12.56 36.49 -1.81
C GLN A 262 -11.25 35.77 -1.50
N HIS A 263 -10.14 36.32 -2.00
CA HIS A 263 -8.82 35.77 -1.77
C HIS A 263 -7.81 36.91 -1.90
N GLU A 264 -6.76 36.87 -1.07
CA GLU A 264 -5.81 37.97 -1.05
C GLU A 264 -5.01 38.06 -2.35
N GLY A 265 -4.91 36.97 -3.11
CA GLY A 265 -4.26 37.02 -4.41
C GLY A 265 -5.08 37.69 -5.49
N LEU A 266 -6.35 38.00 -5.22
CA LEU A 266 -7.23 38.67 -6.16
C LEU A 266 -7.13 40.19 -5.98
N PRO A 267 -7.15 40.95 -7.08
CA PRO A 267 -7.18 42.41 -6.95
C PRO A 267 -8.43 42.91 -6.25
N LYS A 268 -9.55 42.21 -6.39
CA LYS A 268 -10.78 42.50 -5.67
C LYS A 268 -11.73 41.31 -5.86
N PRO A 269 -12.76 41.21 -5.02
CA PRO A 269 -13.60 40.01 -5.04
C PRO A 269 -14.24 39.73 -6.40
N LEU A 270 -14.40 38.45 -6.70
CA LEU A 270 -15.01 37.96 -7.93
C LEU A 270 -16.52 37.84 -7.77
N THR A 271 -17.22 37.92 -8.90
CA THR A 271 -18.63 37.58 -8.97
C THR A 271 -18.83 36.71 -10.21
N LEU A 272 -19.29 35.48 -10.00
CA LEU A 272 -19.41 34.50 -11.06
C LEU A 272 -20.84 34.03 -11.22
N ARG A 273 -21.21 33.73 -12.46
CA ARG A 273 -22.45 33.07 -12.78
C ARG A 273 -22.14 31.87 -13.66
N TRP A 274 -23.13 30.99 -13.78
CA TRP A 274 -23.03 29.90 -14.75
C TRP A 274 -23.00 30.48 -16.16
N GLU A 275 -21.96 30.14 -16.91
CA GLU A 275 -21.77 30.63 -18.29
C GLU A 275 -21.99 29.48 -19.25
N PRO A 276 -23.30 29.32 -19.67
CA PRO A 276 -23.52 28.18 -20.58
C PRO A 276 -22.72 28.27 -21.86
N HIS A 277 -22.56 29.47 -22.38
CA HIS A 277 -21.78 29.67 -23.60
C HIS A 277 -20.44 30.32 -23.32
N MET B 1 -12.96 8.25 25.28
CA MET B 1 -12.08 9.22 24.67
C MET B 1 -12.84 9.65 23.45
N ILE B 2 -12.94 10.95 23.23
CA ILE B 2 -13.70 11.41 22.08
C ILE B 2 -13.11 10.88 20.80
N GLN B 3 -13.94 10.20 20.02
CA GLN B 3 -13.45 9.70 18.74
C GLN B 3 -14.18 10.42 17.63
N ARG B 4 -13.43 10.86 16.62
CA ARG B 4 -13.97 11.64 15.52
C ARG B 4 -13.73 10.89 14.22
N THR B 5 -14.80 10.71 13.45
CA THR B 5 -14.73 9.96 12.21
C THR B 5 -14.17 10.85 11.09
N PRO B 6 -13.42 10.26 10.15
CA PRO B 6 -12.77 11.09 9.13
C PRO B 6 -13.77 11.61 8.09
N LYS B 7 -13.57 12.86 7.69
CA LYS B 7 -14.11 13.35 6.43
C LYS B 7 -13.22 12.86 5.30
N ILE B 8 -13.81 12.63 4.14
CA ILE B 8 -13.11 12.07 2.99
C ILE B 8 -13.46 12.87 1.75
N GLN B 9 -12.44 13.25 0.98
CA GLN B 9 -12.61 13.90 -0.31
C GLN B 9 -11.69 13.23 -1.32
N VAL B 10 -12.26 12.76 -2.43
CA VAL B 10 -11.52 12.15 -3.53
C VAL B 10 -11.64 13.07 -4.74
N TYR B 11 -10.51 13.39 -5.35
CA TYR B 11 -10.49 14.40 -6.41
C TYR B 11 -9.17 14.32 -7.16
N SER B 12 -9.15 14.95 -8.33
CA SER B 12 -7.95 15.06 -9.14
C SER B 12 -7.28 16.40 -8.89
N ARG B 13 -5.95 16.41 -9.07
CA ARG B 13 -5.20 17.66 -8.88
C ARG B 13 -5.63 18.72 -9.87
N HIS B 14 -5.82 18.34 -11.13
CA HIS B 14 -6.25 19.23 -12.18
C HIS B 14 -7.58 18.75 -12.76
N PRO B 15 -8.36 19.63 -13.40
CA PRO B 15 -9.59 19.18 -14.05
C PRO B 15 -9.34 18.01 -14.98
N ALA B 16 -10.05 16.91 -14.76
CA ALA B 16 -9.78 15.69 -15.50
C ALA B 16 -10.24 15.81 -16.95
N GLU B 17 -9.39 15.38 -17.86
CA GLU B 17 -9.83 15.13 -19.23
C GLU B 17 -9.22 13.81 -19.67
N ASN B 18 -10.07 12.95 -20.24
CA ASN B 18 -9.70 11.56 -20.47
C ASN B 18 -8.43 11.45 -21.31
N GLY B 19 -7.53 10.55 -20.91
CA GLY B 19 -6.34 10.28 -21.66
C GLY B 19 -5.14 11.13 -21.31
N LYS B 20 -5.27 12.10 -20.41
CA LYS B 20 -4.17 12.97 -20.03
C LYS B 20 -3.78 12.73 -18.58
N SER B 21 -2.47 12.76 -18.32
CA SER B 21 -1.95 12.45 -16.99
C SER B 21 -2.43 13.45 -15.95
N ASN B 22 -2.70 12.96 -14.75
CA ASN B 22 -3.21 13.77 -13.64
C ASN B 22 -2.69 13.18 -12.33
N PHE B 23 -3.26 13.62 -11.22
CA PHE B 23 -2.97 13.05 -9.91
C PHE B 23 -4.28 12.78 -9.19
N LEU B 24 -4.42 11.57 -8.65
CA LEU B 24 -5.61 11.18 -7.90
C LEU B 24 -5.34 11.40 -6.41
N ASN B 25 -6.18 12.24 -5.78
CA ASN B 25 -6.01 12.62 -4.39
C ASN B 25 -7.14 12.07 -3.54
N CYS B 26 -6.78 11.59 -2.34
CA CYS B 26 -7.75 11.29 -1.30
C CYS B 26 -7.34 12.01 -0.03
N TYR B 27 -8.15 13.00 0.37
CA TYR B 27 -7.87 13.83 1.54
C TYR B 27 -8.78 13.39 2.68
N VAL B 28 -8.17 12.91 3.77
CA VAL B 28 -8.89 12.52 4.97
C VAL B 28 -8.55 13.50 6.08
N SER B 29 -9.56 13.95 6.82
CA SER B 29 -9.36 15.01 7.79
C SER B 29 -10.38 14.88 8.91
N GLY B 30 -10.14 15.64 9.98
CA GLY B 30 -11.07 15.71 11.08
C GLY B 30 -11.19 14.45 11.91
N PHE B 31 -10.24 13.53 11.83
CA PHE B 31 -10.36 12.27 12.54
C PHE B 31 -9.44 12.21 13.76
N HIS B 32 -9.81 11.32 14.68
CA HIS B 32 -9.07 11.05 15.90
C HIS B 32 -9.58 9.74 16.46
N PRO B 33 -8.71 8.81 16.92
CA PRO B 33 -7.24 8.90 16.94
C PRO B 33 -6.60 8.81 15.55
N SER B 34 -5.27 8.76 15.52
CA SER B 34 -4.54 8.92 14.26
C SER B 34 -4.50 7.65 13.43
N ASP B 35 -4.77 6.49 14.03
CA ASP B 35 -4.73 5.23 13.28
C ASP B 35 -5.77 5.22 12.18
N ILE B 36 -5.31 5.18 10.92
CA ILE B 36 -6.21 5.22 9.78
C ILE B 36 -5.54 4.46 8.64
N GLU B 37 -6.35 3.83 7.81
CA GLU B 37 -5.85 3.11 6.64
C GLU B 37 -6.59 3.63 5.42
N VAL B 38 -5.83 4.10 4.44
CA VAL B 38 -6.35 4.69 3.22
C VAL B 38 -5.78 3.93 2.04
N ASP B 39 -6.64 3.57 1.10
CA ASP B 39 -6.22 2.91 -0.13
C ASP B 39 -6.90 3.57 -1.31
N LEU B 40 -6.15 3.79 -2.38
CA LEU B 40 -6.73 4.24 -3.64
C LEU B 40 -7.03 3.03 -4.49
N LEU B 41 -8.24 2.97 -5.04
CA LEU B 41 -8.69 1.81 -5.80
C LEU B 41 -8.86 2.18 -7.27
N LYS B 42 -8.48 1.25 -8.14
CA LYS B 42 -8.81 1.31 -9.56
C LYS B 42 -9.61 0.06 -9.91
N ASN B 43 -10.84 0.27 -10.38
CA ASN B 43 -11.75 -0.82 -10.72
C ASN B 43 -11.89 -1.80 -9.55
N GLY B 44 -11.95 -1.25 -8.34
CA GLY B 44 -12.17 -2.03 -7.14
C GLY B 44 -10.92 -2.63 -6.52
N GLU B 45 -9.77 -2.57 -7.18
CA GLU B 45 -8.55 -3.15 -6.68
C GLU B 45 -7.56 -2.07 -6.27
N ARG B 46 -6.69 -2.42 -5.33
CA ARG B 46 -5.78 -1.45 -4.75
C ARG B 46 -4.72 -1.01 -5.75
N ILE B 47 -4.48 0.30 -5.81
CA ILE B 47 -3.36 0.85 -6.57
C ILE B 47 -2.09 0.70 -5.75
N GLU B 48 -1.00 0.29 -6.42
CA GLU B 48 0.13 -0.24 -5.66
C GLU B 48 1.06 0.87 -5.15
N LYS B 49 1.40 1.85 -5.97
CA LYS B 49 2.34 2.89 -5.55
C LYS B 49 1.53 4.14 -5.20
N VAL B 50 1.20 4.25 -3.93
CA VAL B 50 0.46 5.40 -3.39
C VAL B 50 1.29 6.02 -2.28
N GLU B 51 1.46 7.34 -2.36
CA GLU B 51 2.18 8.08 -1.33
C GLU B 51 1.21 8.89 -0.49
N HIS B 52 1.67 9.30 0.69
CA HIS B 52 0.85 10.09 1.60
C HIS B 52 1.72 11.10 2.32
N SER B 53 1.07 12.19 2.76
CA SER B 53 1.74 13.26 3.46
C SER B 53 2.11 12.82 4.88
N ASP B 54 2.94 13.64 5.53
CA ASP B 54 3.32 13.39 6.91
C ASP B 54 2.16 13.77 7.83
N LEU B 55 1.95 12.94 8.86
CA LEU B 55 0.83 13.15 9.78
C LEU B 55 0.90 14.53 10.43
N SER B 56 -0.17 15.30 10.27
CA SER B 56 -0.29 16.61 10.91
C SER B 56 -1.70 16.71 11.47
N PHE B 57 -2.00 17.84 12.11
CA PHE B 57 -3.32 18.00 12.69
C PHE B 57 -3.72 19.47 12.70
N SER B 58 -5.01 19.70 12.87
CA SER B 58 -5.57 21.04 12.80
C SER B 58 -5.68 21.64 14.21
N LYS B 59 -6.25 22.84 14.28
CA LYS B 59 -6.30 23.59 15.52
C LYS B 59 -7.16 22.90 16.56
N ASP B 60 -8.15 22.11 16.14
CA ASP B 60 -8.98 21.35 17.06
C ASP B 60 -8.40 20.00 17.41
N TRP B 61 -7.13 19.75 17.04
CA TRP B 61 -6.33 18.55 17.32
C TRP B 61 -6.69 17.38 16.41
N SER B 62 -7.67 17.52 15.52
CA SER B 62 -8.00 16.42 14.62
C SER B 62 -6.97 16.33 13.51
N PHE B 63 -6.65 15.10 13.12
CA PHE B 63 -5.58 14.83 12.16
C PHE B 63 -6.07 14.99 10.73
N TYR B 64 -5.11 15.12 9.81
CA TYR B 64 -5.42 15.12 8.39
C TYR B 64 -4.25 14.53 7.61
N LEU B 65 -4.57 13.87 6.50
CA LEU B 65 -3.59 13.23 5.63
C LEU B 65 -4.06 13.34 4.20
N LEU B 66 -3.09 13.46 3.28
CA LEU B 66 -3.36 13.43 1.85
C LEU B 66 -2.68 12.20 1.25
N TYR B 67 -3.47 11.35 0.61
CA TYR B 67 -2.95 10.23 -0.17
C TYR B 67 -3.11 10.55 -1.65
N TYR B 68 -2.10 10.18 -2.44
CA TYR B 68 -2.10 10.59 -3.83
C TYR B 68 -1.30 9.60 -4.66
N THR B 69 -1.63 9.58 -5.94
CA THR B 69 -0.96 8.82 -6.97
C THR B 69 -1.20 9.46 -8.33
N GLU B 70 -0.30 9.12 -9.21
CA GLU B 70 -0.36 9.54 -10.58
C GLU B 70 -1.27 8.60 -11.28
N PHE B 71 -2.14 9.18 -12.07
CA PHE B 71 -3.10 8.46 -12.86
C PHE B 71 -3.52 9.19 -14.09
N THR B 72 -4.09 8.43 -15.01
CA THR B 72 -4.62 9.02 -16.23
C THR B 72 -6.08 8.64 -16.34
N PRO B 73 -7.02 9.57 -16.17
CA PRO B 73 -8.44 9.20 -16.18
C PRO B 73 -8.89 8.73 -17.55
N THR B 74 -9.84 7.80 -17.55
CA THR B 74 -10.45 7.27 -18.76
C THR B 74 -11.96 7.23 -18.58
N GLU B 75 -12.67 6.78 -19.61
CA GLU B 75 -14.10 6.58 -19.51
C GLU B 75 -14.46 5.21 -18.92
N LYS B 76 -13.62 4.21 -19.15
CA LYS B 76 -13.95 2.86 -18.69
C LYS B 76 -13.60 2.63 -17.22
N ASP B 77 -12.58 3.31 -16.70
CA ASP B 77 -12.04 3.01 -15.38
C ASP B 77 -12.76 3.80 -14.30
N GLU B 78 -13.04 3.12 -13.18
CA GLU B 78 -13.63 3.75 -12.01
C GLU B 78 -12.60 3.80 -10.89
N TYR B 79 -12.40 4.99 -10.32
CA TYR B 79 -11.46 5.19 -9.24
C TYR B 79 -12.19 5.51 -7.95
N ALA B 80 -11.58 5.15 -6.82
CA ALA B 80 -12.22 5.33 -5.53
C ALA B 80 -11.17 5.38 -4.44
N CYS B 81 -11.58 5.86 -3.27
CA CYS B 81 -10.75 5.87 -2.08
C CYS B 81 -11.45 5.08 -0.99
N ARG B 82 -10.70 4.21 -0.31
CA ARG B 82 -11.23 3.36 0.75
C ARG B 82 -10.54 3.72 2.05
N VAL B 83 -11.33 4.02 3.08
CA VAL B 83 -10.82 4.50 4.35
C VAL B 83 -11.32 3.58 5.46
N ASN B 84 -10.41 3.13 6.31
CA ASN B 84 -10.78 2.39 7.52
C ASN B 84 -10.31 3.16 8.74
N HIS B 85 -11.14 3.16 9.78
CA HIS B 85 -10.87 3.89 11.00
C HIS B 85 -11.67 3.21 12.11
N VAL B 86 -11.25 3.46 13.36
CA VAL B 86 -11.92 2.82 14.49
C VAL B 86 -13.38 3.23 14.56
N THR B 87 -13.73 4.41 14.04
CA THR B 87 -15.10 4.89 14.07
C THR B 87 -16.01 4.22 13.05
N LEU B 88 -15.49 3.36 12.18
CA LEU B 88 -16.26 2.81 11.07
C LEU B 88 -16.56 1.34 11.31
N SER B 89 -17.77 0.92 10.94
CA SER B 89 -18.14 -0.49 10.98
C SER B 89 -17.65 -1.24 9.76
N GLN B 90 -17.60 -0.58 8.62
CA GLN B 90 -17.02 -1.14 7.41
C GLN B 90 -16.15 -0.07 6.78
N PRO B 91 -15.11 -0.47 6.04
CA PRO B 91 -14.33 0.52 5.30
C PRO B 91 -15.23 1.37 4.42
N LYS B 92 -15.04 2.68 4.47
CA LYS B 92 -15.86 3.59 3.69
C LYS B 92 -15.21 3.82 2.33
N ILE B 93 -15.97 3.61 1.27
CA ILE B 93 -15.49 3.78 -0.11
C ILE B 93 -16.16 5.02 -0.67
N VAL B 94 -15.35 5.98 -1.11
CA VAL B 94 -15.83 7.17 -1.78
C VAL B 94 -15.34 7.11 -3.23
N LYS B 95 -16.29 7.12 -4.16
CA LYS B 95 -15.95 7.03 -5.58
C LYS B 95 -15.47 8.39 -6.08
N TRP B 96 -14.51 8.35 -7.00
CA TRP B 96 -14.06 9.58 -7.63
C TRP B 96 -15.10 10.04 -8.65
N ASP B 97 -15.55 11.27 -8.50
CA ASP B 97 -16.50 11.90 -9.41
C ASP B 97 -15.85 13.19 -9.88
N ARG B 98 -15.53 13.25 -11.19
CA ARG B 98 -14.80 14.40 -11.71
C ARG B 98 -15.56 15.71 -11.53
N ASP B 99 -16.86 15.65 -11.22
CA ASP B 99 -17.64 16.85 -10.91
C ASP B 99 -17.48 17.31 -9.48
N MET B 100 -16.67 16.63 -8.67
CA MET B 100 -16.51 16.98 -7.26
C MET B 100 -15.04 16.97 -6.82
N GLY C 1 18.53 -30.21 -16.70
CA GLY C 1 17.82 -31.44 -17.00
C GLY C 1 16.64 -31.23 -17.92
N SER C 2 15.46 -31.66 -17.46
CA SER C 2 14.22 -31.45 -18.20
C SER C 2 13.64 -30.09 -17.86
N HIS C 3 12.81 -29.57 -18.77
CA HIS C 3 12.32 -28.21 -18.65
C HIS C 3 10.86 -28.13 -19.10
N SER C 4 10.25 -26.98 -18.83
CA SER C 4 8.85 -26.76 -19.19
C SER C 4 8.62 -25.29 -19.42
N MET C 5 7.59 -25.00 -20.21
CA MET C 5 7.06 -23.65 -20.38
C MET C 5 5.57 -23.68 -20.08
N ARG C 6 5.09 -22.69 -19.34
CA ARG C 6 3.70 -22.63 -18.94
C ARG C 6 3.19 -21.19 -19.02
N TYR C 7 1.99 -21.05 -19.55
CA TYR C 7 1.25 -19.79 -19.48
C TYR C 7 0.05 -19.98 -18.57
N PHE C 8 -0.19 -18.97 -17.71
CA PHE C 8 -1.29 -19.00 -16.75
C PHE C 8 -2.19 -17.81 -17.01
N TYR C 9 -3.47 -18.07 -17.30
CA TYR C 9 -4.48 -17.04 -17.49
C TYR C 9 -5.41 -17.02 -16.29
N THR C 10 -5.69 -15.83 -15.77
CA THR C 10 -6.73 -15.62 -14.77
C THR C 10 -7.68 -14.55 -15.28
N ALA C 11 -8.96 -14.89 -15.42
CA ALA C 11 -9.99 -13.95 -15.84
C ALA C 11 -11.06 -13.89 -14.75
N MET C 12 -11.30 -12.69 -14.22
CA MET C 12 -12.17 -12.53 -13.07
C MET C 12 -13.16 -11.40 -13.32
N SER C 13 -14.44 -11.68 -13.12
CA SER C 13 -15.46 -10.64 -13.19
C SER C 13 -15.56 -9.91 -11.85
N ARG C 14 -15.92 -8.63 -11.93
CA ARG C 14 -16.05 -7.77 -10.75
C ARG C 14 -17.33 -6.95 -10.85
N PRO C 15 -18.48 -7.60 -10.70
CA PRO C 15 -19.75 -6.87 -10.85
C PRO C 15 -19.86 -5.73 -9.85
N GLY C 16 -20.17 -4.54 -10.35
CA GLY C 16 -20.31 -3.36 -9.53
C GLY C 16 -19.02 -2.66 -9.19
N ARG C 17 -17.86 -3.26 -9.49
CA ARG C 17 -16.57 -2.66 -9.18
C ARG C 17 -15.77 -2.28 -10.42
N GLY C 18 -15.99 -2.96 -11.53
CA GLY C 18 -15.29 -2.63 -12.75
C GLY C 18 -15.49 -3.70 -13.81
N GLU C 19 -14.77 -3.54 -14.91
CA GLU C 19 -14.78 -4.52 -15.98
C GLU C 19 -14.09 -5.81 -15.53
N PRO C 20 -14.34 -6.93 -16.21
CA PRO C 20 -13.63 -8.16 -15.85
C PRO C 20 -12.13 -8.03 -16.12
N ARG C 21 -11.34 -8.48 -15.15
CA ARG C 21 -9.89 -8.36 -15.22
C ARG C 21 -9.26 -9.62 -15.79
N PHE C 22 -8.31 -9.43 -16.71
CA PHE C 22 -7.58 -10.53 -17.33
C PHE C 22 -6.10 -10.37 -17.04
N ILE C 23 -5.52 -11.36 -16.38
CA ILE C 23 -4.09 -11.39 -16.06
C ILE C 23 -3.49 -12.64 -16.67
N ALA C 24 -2.34 -12.48 -17.33
CA ALA C 24 -1.62 -13.60 -17.92
C ALA C 24 -0.15 -13.51 -17.50
N VAL C 25 0.42 -14.64 -17.08
CA VAL C 25 1.84 -14.73 -16.78
C VAL C 25 2.41 -15.95 -17.50
N GLY C 26 3.65 -15.82 -17.95
CA GLY C 26 4.35 -16.92 -18.62
C GLY C 26 5.60 -17.30 -17.85
N TYR C 27 5.84 -18.61 -17.75
CA TYR C 27 6.96 -19.15 -17.00
C TYR C 27 7.80 -20.06 -17.88
N VAL C 28 9.10 -20.07 -17.62
CA VAL C 28 10.00 -21.14 -18.03
C VAL C 28 10.53 -21.78 -16.75
N ASP C 29 10.21 -23.05 -16.54
CA ASP C 29 10.47 -23.72 -15.27
C ASP C 29 9.88 -22.89 -14.13
N ASP C 30 10.71 -22.47 -13.18
CA ASP C 30 10.24 -21.66 -12.06
C ASP C 30 10.50 -20.18 -12.23
N THR C 31 10.83 -19.73 -13.44
CA THR C 31 11.17 -18.34 -13.72
C THR C 31 10.06 -17.71 -14.55
N GLN C 32 9.39 -16.72 -13.98
CA GLN C 32 8.43 -15.93 -14.77
C GLN C 32 9.21 -15.01 -15.70
N PHE C 33 8.73 -14.89 -16.94
CA PHE C 33 9.41 -14.05 -17.92
C PHE C 33 8.53 -13.05 -18.64
N VAL C 34 7.20 -13.20 -18.61
CA VAL C 34 6.29 -12.20 -19.17
C VAL C 34 5.09 -12.06 -18.25
N ARG C 35 4.36 -10.95 -18.43
CA ARG C 35 3.14 -10.68 -17.70
C ARG C 35 2.27 -9.75 -18.54
N PHE C 36 0.96 -9.85 -18.32
CA PHE C 36 -0.02 -8.96 -18.93
C PHE C 36 -1.13 -8.70 -17.93
N ASP C 37 -1.54 -7.44 -17.79
CA ASP C 37 -2.63 -7.06 -16.90
C ASP C 37 -3.52 -6.08 -17.64
N SER C 38 -4.79 -6.46 -17.84
CA SER C 38 -5.72 -5.57 -18.54
C SER C 38 -6.06 -4.34 -17.71
N ASP C 39 -5.77 -4.35 -16.41
CA ASP C 39 -6.01 -3.18 -15.56
C ASP C 39 -4.96 -2.09 -15.73
N ALA C 40 -3.82 -2.41 -16.34
CA ALA C 40 -2.77 -1.42 -16.52
C ALA C 40 -3.23 -0.29 -17.44
N ALA C 41 -2.58 0.86 -17.30
CA ALA C 41 -2.97 2.04 -18.07
C ALA C 41 -2.96 1.77 -19.57
N SER C 42 -1.86 1.21 -20.07
CA SER C 42 -1.75 0.76 -21.46
C SER C 42 -1.40 -0.72 -21.43
N PRO C 43 -2.41 -1.60 -21.44
CA PRO C 43 -2.14 -3.04 -21.30
C PRO C 43 -1.27 -3.56 -22.44
N ARG C 44 -0.12 -4.12 -22.07
CA ARG C 44 0.81 -4.72 -23.01
C ARG C 44 1.51 -5.88 -22.32
N MET C 45 1.92 -6.87 -23.12
CA MET C 45 2.78 -7.91 -22.59
C MET C 45 4.15 -7.33 -22.29
N ALA C 46 4.60 -7.50 -21.05
CA ALA C 46 5.81 -6.86 -20.57
C ALA C 46 6.82 -7.90 -20.09
N PRO C 47 8.13 -7.61 -20.19
CA PRO C 47 9.14 -8.56 -19.73
C PRO C 47 9.21 -8.63 -18.21
N ARG C 48 9.55 -9.82 -17.71
CA ARG C 48 9.77 -10.03 -16.30
C ARG C 48 11.06 -10.79 -16.03
N ALA C 49 11.85 -11.05 -17.05
CA ALA C 49 13.16 -11.68 -16.94
C ALA C 49 14.10 -11.01 -17.93
N PRO C 50 15.38 -10.90 -17.58
CA PRO C 50 16.31 -10.17 -18.47
C PRO C 50 16.47 -10.79 -19.85
N TRP C 51 16.44 -12.11 -19.95
CA TRP C 51 16.76 -12.77 -21.21
C TRP C 51 15.64 -12.65 -22.24
N ILE C 52 14.41 -12.35 -21.83
CA ILE C 52 13.33 -12.16 -22.80
C ILE C 52 13.39 -10.79 -23.46
N GLU C 53 14.13 -9.85 -22.87
CA GLU C 53 14.18 -8.50 -23.41
C GLU C 53 14.88 -8.43 -24.77
N GLN C 54 15.64 -9.46 -25.15
CA GLN C 54 16.28 -9.47 -26.45
C GLN C 54 15.28 -9.53 -27.60
N GLU C 55 14.06 -9.99 -27.35
CA GLU C 55 13.08 -10.16 -28.42
C GLU C 55 12.71 -8.82 -29.02
N GLY C 56 12.42 -8.83 -30.33
CA GLY C 56 12.14 -7.62 -31.06
C GLY C 56 10.75 -7.08 -30.79
N PRO C 57 10.43 -5.97 -31.46
CA PRO C 57 9.12 -5.35 -31.24
C PRO C 57 7.96 -6.14 -31.84
N GLU C 58 8.19 -6.89 -32.93
CA GLU C 58 7.11 -7.71 -33.47
C GLU C 58 6.68 -8.78 -32.48
N TYR C 59 7.64 -9.34 -31.74
CA TYR C 59 7.30 -10.30 -30.70
C TYR C 59 6.39 -9.67 -29.65
N TRP C 60 6.79 -8.52 -29.11
CA TRP C 60 6.00 -7.88 -28.06
C TRP C 60 4.66 -7.39 -28.58
N ASP C 61 4.63 -6.88 -29.82
CA ASP C 61 3.36 -6.45 -30.38
C ASP C 61 2.45 -7.63 -30.69
N GLY C 62 3.03 -8.76 -31.10
CA GLY C 62 2.23 -9.96 -31.29
C GLY C 62 1.68 -10.48 -29.96
N GLU C 63 2.53 -10.54 -28.94
CA GLU C 63 2.06 -10.98 -27.62
C GLU C 63 0.98 -10.05 -27.08
N THR C 64 1.16 -8.74 -27.24
CA THR C 64 0.20 -7.78 -26.72
C THR C 64 -1.15 -7.93 -27.43
N ARG C 65 -1.12 -8.04 -28.76
CA ARG C 65 -2.36 -8.22 -29.51
C ARG C 65 -3.06 -9.52 -29.12
N ASN C 66 -2.28 -10.59 -28.94
CA ASN C 66 -2.87 -11.86 -28.50
C ASN C 66 -3.51 -11.73 -27.12
N MET C 67 -2.82 -11.08 -26.19
CA MET C 67 -3.35 -10.96 -24.84
C MET C 67 -4.62 -10.11 -24.82
N LYS C 68 -4.68 -9.06 -25.65
CA LYS C 68 -5.87 -8.22 -25.71
C LYS C 68 -7.06 -9.01 -26.24
N ALA C 69 -6.85 -9.79 -27.31
CA ALA C 69 -7.94 -10.60 -27.85
C ALA C 69 -8.35 -11.70 -26.86
N SER C 70 -7.38 -12.31 -26.18
CA SER C 70 -7.69 -13.35 -25.20
C SER C 70 -8.53 -12.79 -24.06
N ALA C 71 -8.24 -11.56 -23.61
CA ALA C 71 -9.02 -10.93 -22.57
C ALA C 71 -10.49 -10.79 -23.00
N GLN C 72 -10.72 -10.44 -24.27
CA GLN C 72 -12.08 -10.32 -24.76
C GLN C 72 -12.76 -11.68 -24.85
N THR C 73 -12.03 -12.70 -25.32
CA THR C 73 -12.58 -14.04 -25.40
C THR C 73 -13.03 -14.54 -24.03
N TYR C 74 -12.20 -14.33 -23.01
CA TYR C 74 -12.53 -14.86 -21.69
C TYR C 74 -13.53 -13.97 -20.94
N ARG C 75 -13.61 -12.68 -21.27
CA ARG C 75 -14.74 -11.88 -20.81
C ARG C 75 -16.05 -12.49 -21.29
N GLU C 76 -16.08 -12.93 -22.55
CA GLU C 76 -17.27 -13.58 -23.08
C GLU C 76 -17.46 -14.97 -22.46
N ASN C 77 -16.36 -15.70 -22.24
CA ASN C 77 -16.47 -17.02 -21.63
C ASN C 77 -17.03 -16.93 -20.21
N LEU C 78 -16.72 -15.85 -19.49
CA LEU C 78 -17.33 -15.65 -18.18
C LEU C 78 -18.83 -15.50 -18.28
N ARG C 79 -19.31 -14.75 -19.27
CA ARG C 79 -20.75 -14.62 -19.49
C ARG C 79 -21.36 -15.95 -19.90
N ILE C 80 -20.67 -16.70 -20.76
CA ILE C 80 -21.16 -18.02 -21.17
C ILE C 80 -21.28 -18.94 -19.96
N ALA C 81 -20.31 -18.88 -19.05
CA ALA C 81 -20.32 -19.76 -17.88
C ALA C 81 -21.52 -19.47 -16.99
N LEU C 82 -21.85 -18.18 -16.81
CA LEU C 82 -23.05 -17.82 -16.05
C LEU C 82 -24.28 -18.54 -16.57
N ARG C 83 -24.37 -18.70 -17.89
CA ARG C 83 -25.52 -19.38 -18.48
C ARG C 83 -25.46 -20.88 -18.22
N TYR C 84 -24.29 -21.49 -18.40
CA TYR C 84 -24.17 -22.94 -18.24
C TYR C 84 -24.52 -23.38 -16.82
N TYR C 85 -24.20 -22.56 -15.82
CA TYR C 85 -24.45 -22.90 -14.43
C TYR C 85 -25.65 -22.18 -13.84
N ASN C 86 -26.34 -21.35 -14.63
CA ASN C 86 -27.51 -20.60 -14.19
C ASN C 86 -27.18 -19.78 -12.94
N GLN C 87 -26.17 -18.93 -13.08
CA GLN C 87 -25.72 -18.06 -12.01
C GLN C 87 -26.09 -16.62 -12.33
N SER C 88 -26.25 -15.81 -11.28
CA SER C 88 -26.69 -14.44 -11.45
C SER C 88 -25.52 -13.53 -11.83
N GLU C 89 -25.85 -12.28 -12.16
CA GLU C 89 -24.87 -11.28 -12.52
C GLU C 89 -24.30 -10.54 -11.34
N ALA C 90 -24.66 -10.92 -10.11
CA ALA C 90 -24.24 -10.18 -8.93
C ALA C 90 -22.93 -10.68 -8.34
N GLY C 91 -22.52 -11.91 -8.63
CA GLY C 91 -21.35 -12.49 -8.03
C GLY C 91 -20.12 -12.42 -8.93
N SER C 92 -18.96 -12.47 -8.28
CA SER C 92 -17.69 -12.50 -8.98
CA SER C 92 -17.69 -12.51 -8.99
C SER C 92 -17.29 -13.94 -9.27
N HIS C 93 -16.79 -14.19 -10.48
CA HIS C 93 -16.39 -15.53 -10.90
C HIS C 93 -15.05 -15.46 -11.60
N ILE C 94 -14.37 -16.62 -11.63
CA ILE C 94 -12.99 -16.69 -12.11
C ILE C 94 -12.86 -17.86 -13.07
N ILE C 95 -12.33 -17.59 -14.26
CA ILE C 95 -11.87 -18.62 -15.18
C ILE C 95 -10.35 -18.64 -15.13
N GLN C 96 -9.77 -19.84 -15.01
CA GLN C 96 -8.34 -20.01 -15.03
C GLN C 96 -7.94 -20.98 -16.13
N VAL C 97 -6.81 -20.71 -16.77
CA VAL C 97 -6.26 -21.55 -17.82
C VAL C 97 -4.77 -21.69 -17.60
N MET C 98 -4.26 -22.91 -17.75
CA MET C 98 -2.83 -23.13 -17.78
C MET C 98 -2.51 -24.14 -18.87
N TYR C 99 -1.52 -23.81 -19.70
CA TYR C 99 -1.15 -24.65 -20.82
C TYR C 99 0.34 -24.51 -21.06
N GLY C 100 0.90 -25.50 -21.72
CA GLY C 100 2.32 -25.46 -22.07
C GLY C 100 2.86 -26.86 -22.30
N CYS C 101 4.18 -26.90 -22.44
CA CYS C 101 4.88 -28.11 -22.89
C CYS C 101 5.96 -28.49 -21.88
N ASP C 102 6.17 -29.80 -21.75
CA ASP C 102 7.26 -30.36 -20.97
C ASP C 102 8.22 -31.05 -21.92
N VAL C 103 9.52 -30.77 -21.78
CA VAL C 103 10.53 -31.44 -22.59
C VAL C 103 11.55 -32.09 -21.66
N GLY C 104 12.18 -33.14 -22.16
CA GLY C 104 13.23 -33.82 -21.43
C GLY C 104 14.57 -33.14 -21.65
N PRO C 105 15.65 -33.78 -21.20
CA PRO C 105 16.99 -33.19 -21.39
C PRO C 105 17.35 -32.97 -22.86
N ASP C 106 16.85 -33.82 -23.76
CA ASP C 106 17.15 -33.68 -25.18
C ASP C 106 16.31 -32.61 -25.87
N GLY C 107 15.52 -31.85 -25.13
CA GLY C 107 14.69 -30.81 -25.72
C GLY C 107 13.47 -31.30 -26.47
N ARG C 108 13.17 -32.59 -26.40
CA ARG C 108 12.03 -33.16 -27.12
C ARG C 108 10.82 -33.25 -26.20
N LEU C 109 9.64 -33.13 -26.80
CA LEU C 109 8.40 -33.04 -26.02
C LEU C 109 8.17 -34.32 -25.22
N LEU C 110 7.87 -34.15 -23.94
CA LEU C 110 7.44 -35.24 -23.08
C LEU C 110 5.92 -35.29 -22.94
N ARG C 111 5.28 -34.14 -22.71
CA ARG C 111 3.82 -34.08 -22.71
C ARG C 111 3.38 -32.63 -22.84
N GLY C 112 2.18 -32.45 -23.38
CA GLY C 112 1.57 -31.14 -23.46
C GLY C 112 0.42 -31.00 -22.50
N HIS C 113 0.06 -29.77 -22.14
CA HIS C 113 -1.02 -29.50 -21.21
C HIS C 113 -1.89 -28.37 -21.75
N ASP C 114 -3.18 -28.44 -21.43
CA ASP C 114 -4.10 -27.33 -21.72
C ASP C 114 -5.34 -27.53 -20.85
N GLN C 115 -5.29 -26.99 -19.64
CA GLN C 115 -6.32 -27.19 -18.64
C GLN C 115 -7.05 -25.88 -18.37
N SER C 116 -8.36 -25.97 -18.19
CA SER C 116 -9.17 -24.81 -17.82
C SER C 116 -9.97 -25.15 -16.56
N ALA C 117 -10.24 -24.11 -15.77
CA ALA C 117 -10.98 -24.26 -14.53
C ALA C 117 -12.03 -23.16 -14.43
N TYR C 118 -13.05 -23.42 -13.63
CA TYR C 118 -14.09 -22.43 -13.33
C TYR C 118 -14.32 -22.41 -11.83
N ASP C 119 -14.13 -21.24 -11.22
CA ASP C 119 -14.31 -21.04 -9.79
C ASP C 119 -13.50 -22.05 -8.98
N GLY C 120 -12.25 -22.26 -9.39
CA GLY C 120 -11.34 -23.10 -8.64
C GLY C 120 -11.53 -24.59 -8.81
N LYS C 121 -12.40 -25.02 -9.72
CA LYS C 121 -12.65 -26.43 -9.96
C LYS C 121 -12.29 -26.77 -11.39
N ASP C 122 -11.79 -27.99 -11.60
CA ASP C 122 -11.52 -28.49 -12.94
C ASP C 122 -12.75 -28.27 -13.83
N TYR C 123 -12.51 -27.77 -15.04
CA TYR C 123 -13.57 -27.59 -16.02
C TYR C 123 -13.35 -28.52 -17.21
N ILE C 124 -12.34 -28.26 -18.04
CA ILE C 124 -12.05 -29.11 -19.18
C ILE C 124 -10.54 -29.13 -19.38
N ALA C 125 -10.02 -30.30 -19.77
CA ALA C 125 -8.59 -30.49 -19.93
C ALA C 125 -8.32 -31.25 -21.22
N LEU C 126 -7.26 -30.87 -21.92
CA LEU C 126 -6.80 -31.64 -23.06
C LEU C 126 -6.13 -32.92 -22.58
N ASN C 127 -6.55 -34.05 -23.14
CA ASN C 127 -5.98 -35.32 -22.72
C ASN C 127 -4.55 -35.47 -23.25
N GLU C 128 -3.83 -36.42 -22.67
CA GLU C 128 -2.41 -36.58 -22.99
C GLU C 128 -2.17 -36.91 -24.45
N ASP C 129 -3.16 -37.47 -25.16
CA ASP C 129 -2.98 -37.71 -26.58
C ASP C 129 -3.04 -36.44 -27.41
N LEU C 130 -3.32 -35.29 -26.78
CA LEU C 130 -3.38 -34.00 -27.46
C LEU C 130 -4.40 -33.99 -28.58
N SER C 131 -5.42 -34.83 -28.47
CA SER C 131 -6.46 -34.93 -29.50
C SER C 131 -7.86 -35.11 -28.94
N SER C 132 -8.02 -35.38 -27.65
CA SER C 132 -9.33 -35.55 -27.02
C SER C 132 -9.37 -34.75 -25.73
N TRP C 133 -10.57 -34.58 -25.20
CA TRP C 133 -10.81 -33.73 -24.03
C TRP C 133 -11.45 -34.54 -22.91
N THR C 134 -11.30 -34.01 -21.69
CA THR C 134 -11.97 -34.54 -20.51
C THR C 134 -12.75 -33.39 -19.87
N ALA C 135 -14.08 -33.51 -19.87
CA ALA C 135 -14.94 -32.53 -19.22
C ALA C 135 -15.23 -32.99 -17.79
N ALA C 136 -15.21 -32.02 -16.86
CA ALA C 136 -15.40 -32.33 -15.45
C ALA C 136 -16.86 -32.32 -15.03
N ASP C 137 -17.75 -31.68 -15.79
CA ASP C 137 -19.17 -31.69 -15.48
C ASP C 137 -19.95 -31.58 -16.78
N THR C 138 -21.28 -31.58 -16.66
CA THR C 138 -22.12 -31.50 -17.85
C THR C 138 -22.03 -30.13 -18.52
N ALA C 139 -21.68 -29.09 -17.75
CA ALA C 139 -21.49 -27.78 -18.35
C ALA C 139 -20.29 -27.78 -19.29
N ALA C 140 -19.17 -28.35 -18.84
CA ALA C 140 -17.99 -28.44 -19.69
C ALA C 140 -18.20 -29.37 -20.88
N GLN C 141 -19.15 -30.30 -20.79
CA GLN C 141 -19.44 -31.16 -21.93
C GLN C 141 -20.05 -30.38 -23.08
N ILE C 142 -20.79 -29.31 -22.78
CA ILE C 142 -21.23 -28.39 -23.83
C ILE C 142 -20.03 -27.77 -24.53
N THR C 143 -19.05 -27.30 -23.73
CA THR C 143 -17.84 -26.72 -24.28
C THR C 143 -17.04 -27.75 -25.06
N GLN C 144 -16.98 -28.98 -24.55
CA GLN C 144 -16.23 -30.04 -25.22
C GLN C 144 -16.77 -30.30 -26.63
N ARG C 145 -18.09 -30.28 -26.79
CA ARG C 145 -18.68 -30.55 -28.10
C ARG C 145 -18.34 -29.45 -29.08
N LYS C 146 -18.38 -28.19 -28.63
CA LYS C 146 -18.00 -27.09 -29.51
C LYS C 146 -16.55 -27.19 -29.94
N TRP C 147 -15.68 -27.64 -29.04
CA TRP C 147 -14.26 -27.74 -29.38
C TRP C 147 -13.98 -28.94 -30.27
N GLU C 148 -14.72 -30.04 -30.11
CA GLU C 148 -14.61 -31.15 -31.05
C GLU C 148 -15.08 -30.72 -32.44
N ALA C 149 -16.19 -29.99 -32.50
CA ALA C 149 -16.72 -29.53 -33.79
C ALA C 149 -15.78 -28.54 -34.46
N ALA C 150 -15.15 -27.66 -33.69
CA ALA C 150 -14.26 -26.64 -34.23
C ALA C 150 -12.82 -27.12 -34.40
N ARG C 151 -12.56 -28.41 -34.16
CA ARG C 151 -11.22 -28.99 -34.34
C ARG C 151 -10.17 -28.24 -33.52
N VAL C 152 -10.54 -27.88 -32.28
CA VAL C 152 -9.66 -27.07 -31.43
C VAL C 152 -8.41 -27.87 -31.02
N ALA C 153 -8.59 -29.16 -30.72
CA ALA C 153 -7.46 -29.95 -30.20
C ALA C 153 -6.32 -30.04 -31.21
N GLU C 154 -6.65 -30.12 -32.50
CA GLU C 154 -5.62 -30.18 -33.53
C GLU C 154 -4.77 -28.92 -33.54
N GLN C 155 -5.40 -27.77 -33.29
CA GLN C 155 -4.64 -26.52 -33.25
C GLN C 155 -3.71 -26.48 -32.05
N LEU C 156 -4.17 -26.94 -30.90
CA LEU C 156 -3.33 -26.90 -29.70
C LEU C 156 -2.24 -27.95 -29.75
N ARG C 157 -2.52 -29.11 -30.33
CA ARG C 157 -1.47 -30.10 -30.52
C ARG C 157 -0.36 -29.55 -31.41
N ALA C 158 -0.74 -28.82 -32.46
CA ALA C 158 0.26 -28.22 -33.34
C ALA C 158 1.09 -27.18 -32.58
N TYR C 159 0.45 -26.40 -31.71
CA TYR C 159 1.20 -25.46 -30.88
C TYR C 159 2.11 -26.20 -29.90
N LEU C 160 1.54 -27.14 -29.15
CA LEU C 160 2.30 -27.79 -28.08
C LEU C 160 3.48 -28.59 -28.63
N GLU C 161 3.30 -29.21 -29.80
CA GLU C 161 4.37 -29.99 -30.40
C GLU C 161 5.34 -29.14 -31.20
N GLY C 162 4.94 -27.94 -31.63
CA GLY C 162 5.79 -27.11 -32.45
C GLY C 162 6.29 -25.87 -31.74
N LEU C 163 5.55 -24.77 -31.88
CA LEU C 163 6.03 -23.47 -31.40
C LEU C 163 6.31 -23.47 -29.90
N CYS C 164 5.54 -24.23 -29.10
CA CYS C 164 5.80 -24.29 -27.67
C CYS C 164 7.20 -24.82 -27.40
N VAL C 165 7.56 -25.94 -28.03
CA VAL C 165 8.87 -26.53 -27.82
C VAL C 165 9.97 -25.64 -28.42
N GLU C 166 9.73 -25.11 -29.62
CA GLU C 166 10.75 -24.29 -30.29
C GLU C 166 11.06 -23.03 -29.49
N TRP C 167 10.02 -22.30 -29.07
CA TRP C 167 10.25 -21.08 -28.30
C TRP C 167 10.89 -21.39 -26.96
N LEU C 168 10.47 -22.49 -26.30
CA LEU C 168 11.08 -22.87 -25.04
C LEU C 168 12.56 -23.18 -25.22
N ARG C 169 12.92 -23.88 -26.30
CA ARG C 169 14.33 -24.15 -26.58
C ARG C 169 15.11 -22.86 -26.80
N ARG C 170 14.48 -21.87 -27.45
CA ARG C 170 15.13 -20.59 -27.67
C ARG C 170 15.32 -19.84 -26.37
N TYR C 171 14.27 -19.79 -25.53
CA TYR C 171 14.38 -19.13 -24.23
C TYR C 171 15.46 -19.78 -23.37
N LEU C 172 15.50 -21.11 -23.35
CA LEU C 172 16.50 -21.81 -22.54
C LEU C 172 17.91 -21.45 -22.97
N GLU C 173 18.14 -21.30 -24.27
CA GLU C 173 19.47 -20.94 -24.75
C GLU C 173 19.78 -19.48 -24.42
N ASN C 174 18.83 -18.58 -24.67
CA ASN C 174 19.06 -17.16 -24.41
C ASN C 174 19.26 -16.87 -22.94
N GLY C 175 18.59 -17.63 -22.07
CA GLY C 175 18.76 -17.43 -20.63
C GLY C 175 19.53 -18.56 -19.99
N LYS C 176 20.49 -19.13 -20.72
CA LYS C 176 21.16 -20.34 -20.27
C LYS C 176 21.86 -20.14 -18.94
N GLU C 177 22.51 -18.98 -18.75
CA GLU C 177 23.29 -18.78 -17.53
C GLU C 177 22.39 -18.71 -16.29
N THR C 178 21.13 -18.35 -16.48
CA THR C 178 20.15 -18.29 -15.40
C THR C 178 19.24 -19.51 -15.34
N LEU C 179 18.85 -20.05 -16.49
CA LEU C 179 17.85 -21.12 -16.54
C LEU C 179 18.44 -22.52 -16.55
N GLN C 180 19.69 -22.70 -16.98
CA GLN C 180 20.28 -24.02 -17.09
C GLN C 180 21.54 -24.16 -16.24
N ARG C 181 21.67 -23.35 -15.18
CA ARG C 181 22.78 -23.42 -14.24
C ARG C 181 22.18 -23.45 -12.85
N ALA C 182 21.96 -24.65 -12.32
CA ALA C 182 21.28 -24.81 -11.05
C ALA C 182 22.09 -24.23 -9.91
N ASP C 183 21.40 -23.61 -8.94
CA ASP C 183 22.03 -23.12 -7.73
C ASP C 183 21.79 -24.12 -6.61
N PRO C 184 22.82 -24.76 -6.05
CA PRO C 184 22.59 -25.69 -4.95
C PRO C 184 22.17 -24.94 -3.71
N PRO C 185 21.39 -25.57 -2.82
CA PRO C 185 20.97 -24.88 -1.59
C PRO C 185 22.14 -24.67 -0.65
N LYS C 186 22.13 -23.54 0.04
CA LYS C 186 23.01 -23.31 1.17
C LYS C 186 22.27 -23.78 2.42
N THR C 187 22.91 -24.66 3.19
CA THR C 187 22.20 -25.41 4.22
C THR C 187 22.89 -25.28 5.57
N HIS C 188 22.09 -25.40 6.62
CA HIS C 188 22.60 -25.54 7.98
C HIS C 188 21.45 -25.97 8.89
N VAL C 189 21.81 -26.44 10.08
CA VAL C 189 20.86 -26.91 11.08
C VAL C 189 20.91 -25.95 12.27
N THR C 190 19.73 -25.48 12.69
CA THR C 190 19.63 -24.66 13.89
C THR C 190 18.93 -25.43 15.00
N HIS C 191 19.16 -24.97 16.23
CA HIS C 191 18.72 -25.64 17.44
C HIS C 191 18.00 -24.63 18.31
N HIS C 192 16.75 -24.90 18.65
CA HIS C 192 15.92 -23.98 19.43
C HIS C 192 15.28 -24.75 20.58
N PRO C 193 15.77 -24.59 21.81
CA PRO C 193 15.13 -25.25 22.95
C PRO C 193 13.67 -24.84 23.09
N ILE C 194 12.82 -25.84 23.32
CA ILE C 194 11.42 -25.61 23.66
C ILE C 194 11.25 -25.50 25.17
N SER C 195 11.93 -26.39 25.89
CA SER C 195 12.00 -26.38 27.34
C SER C 195 13.37 -26.95 27.71
N ASP C 196 13.55 -27.27 28.99
CA ASP C 196 14.80 -27.92 29.39
C ASP C 196 14.90 -29.36 28.91
N HIS C 197 13.81 -29.92 28.39
CA HIS C 197 13.78 -31.33 28.01
C HIS C 197 13.43 -31.55 26.55
N GLU C 198 13.17 -30.49 25.78
CA GLU C 198 12.82 -30.63 24.37
C GLU C 198 13.37 -29.46 23.58
N ALA C 199 13.73 -29.72 22.33
CA ALA C 199 14.28 -28.70 21.47
C ALA C 199 13.88 -28.98 20.02
N THR C 200 13.77 -27.91 19.24
CA THR C 200 13.49 -28.02 17.82
C THR C 200 14.80 -28.02 17.04
N LEU C 201 14.94 -28.97 16.11
CA LEU C 201 16.01 -28.98 15.12
C LEU C 201 15.43 -28.55 13.79
N ARG C 202 15.90 -27.43 13.25
CA ARG C 202 15.42 -26.93 11.98
C ARG C 202 16.53 -27.04 10.94
N CYS C 203 16.24 -27.71 9.84
CA CYS C 203 17.18 -27.87 8.73
C CYS C 203 16.80 -26.87 7.64
N TRP C 204 17.73 -25.99 7.30
CA TRP C 204 17.49 -24.89 6.37
C TRP C 204 18.11 -25.17 5.02
N ALA C 205 17.39 -24.81 3.96
CA ALA C 205 17.93 -24.78 2.60
C ALA C 205 17.59 -23.42 2.00
N LEU C 206 18.62 -22.69 1.58
CA LEU C 206 18.45 -21.31 1.13
C LEU C 206 19.12 -21.11 -0.22
N GLY C 207 18.56 -20.17 -0.99
CA GLY C 207 19.17 -19.73 -2.23
C GLY C 207 19.31 -20.80 -3.30
N PHE C 208 18.37 -21.72 -3.39
CA PHE C 208 18.47 -22.76 -4.41
C PHE C 208 17.53 -22.47 -5.56
N TYR C 209 17.89 -23.01 -6.73
CA TYR C 209 17.10 -22.96 -7.94
C TYR C 209 17.47 -24.20 -8.74
N PRO C 210 16.49 -24.94 -9.30
CA PRO C 210 15.06 -24.64 -9.25
C PRO C 210 14.41 -24.98 -7.91
N ALA C 211 13.09 -24.77 -7.83
CA ALA C 211 12.37 -24.91 -6.57
C ALA C 211 12.25 -26.36 -6.11
N GLU C 212 12.40 -27.32 -7.02
CA GLU C 212 12.31 -28.73 -6.63
C GLU C 212 13.43 -29.09 -5.68
N ILE C 213 13.05 -29.65 -4.52
CA ILE C 213 14.03 -30.01 -3.49
C ILE C 213 13.36 -31.01 -2.55
N THR C 214 14.17 -31.83 -1.89
CA THR C 214 13.69 -32.78 -0.90
C THR C 214 14.49 -32.59 0.38
N LEU C 215 13.79 -32.34 1.49
CA LEU C 215 14.40 -32.22 2.81
C LEU C 215 13.73 -33.22 3.73
N THR C 216 14.55 -34.05 4.39
CA THR C 216 14.04 -35.10 5.26
C THR C 216 14.90 -35.19 6.51
N TRP C 217 14.25 -35.53 7.62
CA TRP C 217 14.93 -35.80 8.87
C TRP C 217 14.95 -37.31 9.10
N GLN C 218 16.07 -37.80 9.63
CA GLN C 218 16.23 -39.20 9.98
C GLN C 218 16.70 -39.30 11.43
N ARG C 219 16.28 -40.36 12.10
CA ARG C 219 16.74 -40.70 13.45
C ARG C 219 17.33 -42.09 13.40
N ASP C 220 18.63 -42.19 13.73
CA ASP C 220 19.38 -43.44 13.58
C ASP C 220 19.26 -43.99 12.16
N GLY C 221 19.30 -43.08 11.18
CA GLY C 221 19.12 -43.46 9.79
C GLY C 221 17.71 -43.89 9.42
N GLU C 222 16.74 -43.70 10.29
CA GLU C 222 15.39 -44.07 10.02
C GLU C 222 14.50 -42.85 9.78
N ASP C 223 13.65 -42.94 8.77
CA ASP C 223 12.77 -41.84 8.41
C ASP C 223 11.73 -41.45 9.47
N GLN C 224 11.61 -40.15 9.61
CA GLN C 224 10.73 -39.48 10.56
C GLN C 224 9.65 -38.64 9.88
N THR C 225 9.42 -38.89 8.60
CA THR C 225 8.45 -38.08 7.85
C THR C 225 7.20 -37.80 8.66
N GLN C 226 6.79 -38.75 9.51
CA GLN C 226 5.59 -38.56 10.30
C GLN C 226 5.73 -37.41 11.29
N ASP C 227 6.90 -37.25 11.89
CA ASP C 227 7.11 -36.26 12.95
C ASP C 227 7.79 -34.99 12.45
N THR C 228 7.93 -34.82 11.14
CA THR C 228 8.65 -33.69 10.57
C THR C 228 7.68 -32.61 10.13
N GLU C 229 7.92 -31.39 10.60
CA GLU C 229 7.19 -30.22 10.12
C GLU C 229 7.90 -29.66 8.90
N LEU C 230 7.19 -29.58 7.79
CA LEU C 230 7.77 -29.25 6.48
C LEU C 230 6.99 -28.09 5.89
N VAL C 231 7.65 -26.93 5.74
CA VAL C 231 6.98 -25.75 5.17
C VAL C 231 7.05 -25.80 3.66
N GLU C 232 6.06 -25.17 3.02
CA GLU C 232 6.06 -25.07 1.58
C GLU C 232 7.29 -24.29 1.10
N THR C 233 7.86 -24.73 -0.01
CA THR C 233 8.97 -24.01 -0.61
C THR C 233 8.53 -22.58 -0.95
N ARG C 234 9.37 -21.62 -0.60
CA ARG C 234 8.98 -20.22 -0.69
C ARG C 234 10.00 -19.42 -1.50
N PRO C 235 9.55 -18.45 -2.27
CA PRO C 235 10.49 -17.63 -3.04
C PRO C 235 11.23 -16.63 -2.15
N ALA C 236 12.53 -16.51 -2.38
CA ALA C 236 13.30 -15.52 -1.66
C ALA C 236 13.06 -14.11 -2.18
N GLY C 237 12.57 -13.98 -3.41
CA GLY C 237 12.38 -12.69 -4.05
C GLY C 237 13.46 -12.35 -5.05
N ASP C 238 14.57 -13.09 -5.06
CA ASP C 238 15.65 -12.91 -6.03
C ASP C 238 15.73 -14.09 -7.00
N ARG C 239 14.59 -14.74 -7.25
CA ARG C 239 14.43 -15.90 -8.12
C ARG C 239 15.06 -17.17 -7.57
N THR C 240 15.56 -17.15 -6.34
CA THR C 240 15.92 -18.36 -5.62
C THR C 240 14.84 -18.71 -4.62
N PHE C 241 14.96 -19.89 -4.02
CA PHE C 241 13.90 -20.42 -3.16
C PHE C 241 14.47 -20.87 -1.83
N GLN C 242 13.58 -21.05 -0.86
CA GLN C 242 13.94 -21.45 0.50
C GLN C 242 12.98 -22.53 0.97
N LYS C 243 13.45 -23.34 1.92
CA LYS C 243 12.61 -24.34 2.54
C LYS C 243 13.28 -24.79 3.83
N TRP C 244 12.47 -25.20 4.82
CA TRP C 244 13.03 -25.82 6.01
C TRP C 244 12.12 -26.92 6.51
N ALA C 245 12.73 -27.85 7.25
CA ALA C 245 12.06 -28.96 7.90
C ALA C 245 12.53 -29.03 9.35
N ALA C 246 11.60 -29.30 10.26
CA ALA C 246 11.90 -29.28 11.69
C ALA C 246 11.35 -30.52 12.37
N VAL C 247 12.07 -30.97 13.41
CA VAL C 247 11.64 -32.05 14.28
C VAL C 247 11.83 -31.61 15.73
N VAL C 248 10.92 -32.04 16.60
CA VAL C 248 11.04 -31.83 18.04
C VAL C 248 11.69 -33.07 18.63
N VAL C 249 12.81 -32.89 19.32
CA VAL C 249 13.58 -34.04 19.80
C VAL C 249 13.74 -33.95 21.32
N PRO C 250 13.84 -35.08 22.01
CA PRO C 250 14.17 -35.02 23.44
C PRO C 250 15.59 -34.52 23.65
N SER C 251 15.76 -33.64 24.63
CA SER C 251 17.08 -33.10 24.91
C SER C 251 18.06 -34.21 25.25
N GLY C 252 19.21 -34.19 24.59
CA GLY C 252 20.18 -35.26 24.70
C GLY C 252 20.19 -36.23 23.54
N GLU C 253 19.18 -36.18 22.68
CA GLU C 253 19.08 -37.07 21.53
C GLU C 253 19.43 -36.38 20.22
N GLU C 254 19.87 -35.12 20.27
CA GLU C 254 20.00 -34.32 19.06
C GLU C 254 20.92 -34.96 18.03
N GLN C 255 22.04 -35.54 18.48
CA GLN C 255 23.01 -36.08 17.54
C GLN C 255 22.56 -37.36 16.86
N ARG C 256 21.42 -37.94 17.28
CA ARG C 256 20.84 -39.06 16.56
C ARG C 256 20.13 -38.64 15.29
N TYR C 257 19.87 -37.35 15.12
CA TYR C 257 19.08 -36.84 14.01
C TYR C 257 19.97 -36.26 12.93
N THR C 258 19.65 -36.60 11.68
CA THR C 258 20.38 -36.11 10.52
C THR C 258 19.39 -35.56 9.51
N CYS C 259 19.73 -34.43 8.91
CA CYS C 259 18.93 -33.86 7.83
C CYS C 259 19.54 -34.24 6.49
N HIS C 260 18.68 -34.59 5.54
CA HIS C 260 19.11 -35.07 4.23
C HIS C 260 18.54 -34.17 3.16
N VAL C 261 19.42 -33.65 2.29
CA VAL C 261 19.07 -32.65 1.30
C VAL C 261 19.37 -33.21 -0.08
N GLN C 262 18.36 -33.22 -0.95
CA GLN C 262 18.53 -33.62 -2.35
C GLN C 262 18.09 -32.47 -3.25
N HIS C 263 18.99 -32.04 -4.13
CA HIS C 263 18.69 -30.98 -5.09
C HIS C 263 19.57 -31.22 -6.31
N GLU C 264 19.00 -30.95 -7.49
CA GLU C 264 19.73 -31.23 -8.73
C GLU C 264 20.99 -30.39 -8.86
N GLY C 265 21.10 -29.28 -8.12
CA GLY C 265 22.34 -28.54 -8.08
C GLY C 265 23.40 -29.15 -7.18
N LEU C 266 23.07 -30.21 -6.44
CA LEU C 266 24.02 -30.84 -5.54
C LEU C 266 24.72 -31.98 -6.25
N PRO C 267 26.06 -32.00 -6.30
CA PRO C 267 26.75 -33.17 -6.88
C PRO C 267 26.43 -34.46 -6.15
N LYS C 268 26.22 -34.40 -4.84
CA LYS C 268 25.83 -35.56 -4.03
C LYS C 268 24.84 -35.09 -2.97
N PRO C 269 23.89 -35.95 -2.59
CA PRO C 269 22.95 -35.57 -1.53
C PRO C 269 23.67 -35.32 -0.21
N LEU C 270 23.25 -34.27 0.47
CA LEU C 270 23.90 -33.83 1.70
C LEU C 270 23.30 -34.51 2.92
N THR C 271 24.12 -34.66 3.95
CA THR C 271 23.72 -35.17 5.25
C THR C 271 24.25 -34.21 6.31
N LEU C 272 23.34 -33.62 7.09
CA LEU C 272 23.71 -32.56 8.03
C LEU C 272 23.27 -32.91 9.44
N ARG C 273 24.01 -32.40 10.41
CA ARG C 273 23.69 -32.51 11.81
C ARG C 273 23.80 -31.12 12.45
N TRP C 274 23.19 -30.98 13.63
CA TRP C 274 23.41 -29.78 14.41
C TRP C 274 24.86 -29.70 14.84
N GLU C 275 25.51 -28.61 14.49
CA GLU C 275 26.91 -28.39 14.80
C GLU C 275 27.06 -27.27 15.81
N PRO C 276 27.12 -27.69 17.12
CA PRO C 276 27.21 -26.60 18.11
C PRO C 276 28.45 -25.72 17.99
N HIS C 277 29.59 -26.30 17.65
CA HIS C 277 30.81 -25.51 17.53
C HIS C 277 31.16 -25.21 16.08
N MET D 1 -20.08 -22.85 -3.46
CA MET D 1 -18.79 -22.48 -4.04
C MET D 1 -17.64 -22.98 -3.19
N ILE D 2 -16.46 -23.11 -3.78
CA ILE D 2 -15.27 -23.53 -3.07
C ILE D 2 -14.42 -22.31 -2.74
N GLN D 3 -13.94 -22.26 -1.51
CA GLN D 3 -13.07 -21.17 -1.05
C GLN D 3 -11.95 -21.79 -0.23
N ARG D 4 -10.71 -21.47 -0.59
CA ARG D 4 -9.54 -22.00 0.09
C ARG D 4 -8.84 -20.87 0.85
N THR D 5 -8.46 -21.14 2.10
CA THR D 5 -7.88 -20.09 2.92
C THR D 5 -6.37 -20.02 2.71
N PRO D 6 -5.78 -18.83 2.74
CA PRO D 6 -4.35 -18.70 2.40
C PRO D 6 -3.45 -19.22 3.51
N LYS D 7 -2.43 -19.96 3.10
CA LYS D 7 -1.27 -20.16 3.96
C LYS D 7 -0.41 -18.91 3.91
N ILE D 8 0.27 -18.63 5.03
CA ILE D 8 1.04 -17.39 5.17
C ILE D 8 2.41 -17.73 5.73
N GLN D 9 3.45 -17.17 5.12
CA GLN D 9 4.80 -17.25 5.65
C GLN D 9 5.44 -15.87 5.60
N VAL D 10 5.97 -15.42 6.74
CA VAL D 10 6.68 -14.15 6.85
C VAL D 10 8.14 -14.46 7.17
N TYR D 11 9.05 -13.88 6.40
CA TYR D 11 10.46 -14.25 6.49
C TYR D 11 11.27 -13.20 5.75
N SER D 12 12.57 -13.20 6.02
CA SER D 12 13.51 -12.33 5.34
C SER D 12 14.18 -13.08 4.20
N ARG D 13 14.66 -12.31 3.21
CA ARG D 13 15.33 -12.92 2.08
C ARG D 13 16.62 -13.60 2.51
N HIS D 14 17.40 -12.93 3.34
CA HIS D 14 18.67 -13.43 3.87
C HIS D 14 18.59 -13.55 5.38
N PRO D 15 19.40 -14.42 5.98
CA PRO D 15 19.42 -14.52 7.45
C PRO D 15 19.56 -13.16 8.11
N ALA D 16 18.71 -12.91 9.10
CA ALA D 16 18.61 -11.58 9.68
C ALA D 16 19.86 -11.23 10.47
N GLU D 17 20.33 -10.00 10.28
CA GLU D 17 21.48 -9.46 11.01
C GLU D 17 21.14 -8.02 11.38
N ASN D 18 21.03 -7.75 12.68
CA ASN D 18 20.60 -6.43 13.13
C ASN D 18 21.50 -5.34 12.57
N GLY D 19 20.89 -4.32 11.98
CA GLY D 19 21.62 -3.22 11.40
C GLY D 19 22.03 -3.39 9.95
N LYS D 20 21.82 -4.57 9.37
CA LYS D 20 22.18 -4.85 7.99
C LYS D 20 20.93 -4.88 7.12
N SER D 21 21.02 -4.25 5.94
CA SER D 21 19.87 -4.16 5.06
C SER D 21 19.45 -5.54 4.57
N ASN D 22 18.14 -5.73 4.44
CA ASN D 22 17.57 -7.02 4.06
C ASN D 22 16.28 -6.77 3.30
N PHE D 23 15.56 -7.86 3.01
CA PHE D 23 14.24 -7.78 2.39
C PHE D 23 13.26 -8.57 3.23
N LEU D 24 12.11 -7.98 3.53
CA LEU D 24 11.07 -8.64 4.30
C LEU D 24 10.04 -9.21 3.32
N ASN D 25 9.74 -10.49 3.46
CA ASN D 25 8.84 -11.18 2.55
C ASN D 25 7.59 -11.65 3.29
N CYS D 26 6.45 -11.53 2.63
CA CYS D 26 5.22 -12.21 3.05
C CYS D 26 4.69 -12.99 1.85
N TYR D 27 4.74 -14.31 1.94
CA TYR D 27 4.31 -15.19 0.88
C TYR D 27 2.97 -15.79 1.27
N VAL D 28 1.93 -15.49 0.49
CA VAL D 28 0.61 -16.09 0.69
C VAL D 28 0.34 -17.03 -0.47
N SER D 29 -0.21 -18.20 -0.16
CA SER D 29 -0.37 -19.25 -1.15
C SER D 29 -1.55 -20.13 -0.79
N GLY D 30 -2.00 -20.90 -1.76
CA GLY D 30 -3.04 -21.88 -1.55
C GLY D 30 -4.44 -21.34 -1.39
N PHE D 31 -4.70 -20.10 -1.80
CA PHE D 31 -5.98 -19.47 -1.54
C PHE D 31 -6.80 -19.33 -2.81
N HIS D 32 -8.11 -19.21 -2.61
CA HIS D 32 -9.09 -19.07 -3.67
C HIS D 32 -10.37 -18.51 -3.06
N PRO D 33 -10.98 -17.46 -3.65
CA PRO D 33 -10.58 -16.77 -4.88
C PRO D 33 -9.36 -15.87 -4.72
N SER D 34 -9.05 -15.11 -5.78
CA SER D 34 -7.79 -14.38 -5.87
C SER D 34 -7.80 -13.07 -5.08
N ASP D 35 -8.98 -12.52 -4.77
CA ASP D 35 -9.04 -11.28 -4.00
C ASP D 35 -8.43 -11.49 -2.62
N ILE D 36 -7.39 -10.72 -2.31
CA ILE D 36 -6.71 -10.85 -1.02
C ILE D 36 -6.05 -9.53 -0.67
N GLU D 37 -6.06 -9.20 0.62
CA GLU D 37 -5.44 -7.99 1.14
C GLU D 37 -4.24 -8.39 2.00
N VAL D 38 -3.06 -7.93 1.60
CA VAL D 38 -1.81 -8.24 2.30
C VAL D 38 -1.07 -6.93 2.58
N ASP D 39 -0.70 -6.72 3.84
CA ASP D 39 0.06 -5.54 4.25
C ASP D 39 1.22 -5.95 5.14
N LEU D 40 2.35 -5.30 4.95
CA LEU D 40 3.52 -5.48 5.80
C LEU D 40 3.55 -4.37 6.85
N LEU D 41 3.80 -4.75 8.10
CA LEU D 41 3.72 -3.85 9.23
C LEU D 41 5.07 -3.70 9.92
N LYS D 42 5.42 -2.47 10.27
CA LYS D 42 6.53 -2.16 11.16
C LYS D 42 5.96 -1.48 12.39
N ASN D 43 6.12 -2.14 13.55
CA ASN D 43 5.61 -1.63 14.83
C ASN D 43 4.09 -1.47 14.80
N GLY D 44 3.42 -2.37 14.10
CA GLY D 44 1.97 -2.40 14.04
C GLY D 44 1.33 -1.54 12.98
N GLU D 45 2.11 -0.76 12.24
CA GLU D 45 1.57 0.15 11.23
C GLU D 45 2.13 -0.20 9.86
N ARG D 46 1.37 0.15 8.83
CA ARG D 46 1.67 -0.30 7.47
C ARG D 46 2.95 0.34 6.95
N ILE D 47 3.81 -0.47 6.33
CA ILE D 47 4.97 0.03 5.62
C ILE D 47 4.52 0.60 4.28
N GLU D 48 5.03 1.79 3.94
CA GLU D 48 4.40 2.60 2.89
C GLU D 48 4.49 1.92 1.53
N LYS D 49 5.70 1.68 1.04
CA LYS D 49 5.89 1.04 -0.26
C LYS D 49 6.08 -0.46 -0.02
N VAL D 50 5.14 -1.25 -0.51
CA VAL D 50 5.21 -2.71 -0.51
C VAL D 50 4.90 -3.16 -1.92
N GLU D 51 5.83 -3.90 -2.53
CA GLU D 51 5.62 -4.44 -3.87
C GLU D 51 5.19 -5.89 -3.77
N HIS D 52 4.51 -6.36 -4.81
CA HIS D 52 4.07 -7.74 -4.85
C HIS D 52 4.22 -8.31 -6.26
N SER D 53 4.21 -9.64 -6.32
CA SER D 53 4.43 -10.36 -7.56
C SER D 53 3.15 -10.40 -8.39
N ASP D 54 3.31 -10.81 -9.65
CA ASP D 54 2.17 -10.96 -10.54
C ASP D 54 1.35 -12.19 -10.15
N LEU D 55 0.04 -12.03 -10.15
CA LEU D 55 -0.86 -13.11 -9.76
C LEU D 55 -0.63 -14.35 -10.62
N SER D 56 -0.32 -15.46 -9.96
CA SER D 56 -0.17 -16.75 -10.61
C SER D 56 -0.83 -17.79 -9.73
N PHE D 57 -0.86 -19.04 -10.19
CA PHE D 57 -1.50 -20.07 -9.41
C PHE D 57 -0.78 -21.40 -9.64
N SER D 58 -1.06 -22.35 -8.75
CA SER D 58 -0.42 -23.64 -8.74
C SER D 58 -1.24 -24.66 -9.51
N LYS D 59 -0.84 -25.93 -9.41
CA LYS D 59 -1.44 -26.99 -10.21
C LYS D 59 -2.86 -27.29 -9.76
N ASP D 60 -3.16 -27.10 -8.47
CA ASP D 60 -4.50 -27.27 -7.91
C ASP D 60 -5.37 -26.03 -8.09
N TRP D 61 -4.93 -25.06 -8.91
CA TRP D 61 -5.60 -23.82 -9.25
C TRP D 61 -5.53 -22.79 -8.12
N SER D 62 -4.92 -23.10 -6.98
CA SER D 62 -4.86 -22.15 -5.88
C SER D 62 -3.80 -21.09 -6.19
N PHE D 63 -4.09 -19.85 -5.77
CA PHE D 63 -3.26 -18.70 -6.10
C PHE D 63 -2.11 -18.54 -5.11
N TYR D 64 -1.08 -17.82 -5.54
CA TYR D 64 0.02 -17.44 -4.65
C TYR D 64 0.56 -16.09 -5.06
N LEU D 65 1.08 -15.36 -4.06
CA LEU D 65 1.59 -14.01 -4.23
C LEU D 65 2.69 -13.77 -3.22
N LEU D 66 3.72 -13.04 -3.63
CA LEU D 66 4.80 -12.63 -2.74
C LEU D 66 4.76 -11.11 -2.57
N TYR D 67 4.55 -10.67 -1.33
CA TYR D 67 4.67 -9.27 -0.98
C TYR D 67 6.01 -9.05 -0.30
N TYR D 68 6.68 -7.96 -0.65
CA TYR D 68 8.03 -7.75 -0.14
C TYR D 68 8.33 -6.26 -0.05
N THR D 69 9.32 -5.94 0.78
CA THR D 69 9.83 -4.58 0.93
C THR D 69 11.22 -4.65 1.55
N GLU D 70 12.03 -3.64 1.25
CA GLU D 70 13.31 -3.48 1.92
C GLU D 70 13.10 -3.18 3.40
N PHE D 71 14.02 -3.65 4.24
CA PHE D 71 13.99 -3.30 5.65
C PHE D 71 15.33 -3.65 6.28
N THR D 72 15.60 -3.00 7.40
CA THR D 72 16.78 -3.28 8.21
C THR D 72 16.33 -3.83 9.54
N PRO D 73 16.53 -5.11 9.83
CA PRO D 73 16.08 -5.66 11.12
C PRO D 73 16.86 -5.04 12.26
N THR D 74 16.16 -4.83 13.38
CA THR D 74 16.75 -4.28 14.59
C THR D 74 16.24 -5.09 15.78
N GLU D 75 16.77 -4.77 16.96
CA GLU D 75 16.26 -5.41 18.16
C GLU D 75 14.96 -4.77 18.64
N LYS D 76 14.79 -3.48 18.39
CA LYS D 76 13.64 -2.76 18.95
C LYS D 76 12.38 -2.89 18.09
N ASP D 77 12.52 -3.12 16.79
CA ASP D 77 11.40 -3.04 15.87
C ASP D 77 10.76 -4.40 15.65
N GLU D 78 9.43 -4.41 15.58
CA GLU D 78 8.65 -5.61 15.36
C GLU D 78 8.00 -5.54 13.98
N TYR D 79 8.21 -6.58 13.17
CA TYR D 79 7.65 -6.65 11.82
C TYR D 79 6.63 -7.77 11.74
N ALA D 80 5.66 -7.61 10.86
CA ALA D 80 4.57 -8.57 10.75
C ALA D 80 3.92 -8.44 9.38
N CYS D 81 3.08 -9.41 9.06
CA CYS D 81 2.31 -9.42 7.82
C CYS D 81 0.85 -9.65 8.16
N ARG D 82 -0.02 -8.81 7.61
CA ARG D 82 -1.45 -8.90 7.85
C ARG D 82 -2.16 -9.29 6.56
N VAL D 83 -3.05 -10.28 6.64
CA VAL D 83 -3.70 -10.86 5.48
C VAL D 83 -5.19 -10.92 5.73
N ASN D 84 -5.98 -10.40 4.79
CA ASN D 84 -7.42 -10.50 4.83
C ASN D 84 -7.93 -11.20 3.58
N HIS D 85 -8.91 -12.07 3.77
CA HIS D 85 -9.43 -12.91 2.71
C HIS D 85 -10.88 -13.26 3.04
N VAL D 86 -11.66 -13.59 2.01
CA VAL D 86 -13.07 -13.90 2.21
C VAL D 86 -13.24 -15.10 3.12
N THR D 87 -12.26 -16.01 3.14
CA THR D 87 -12.27 -17.16 4.03
C THR D 87 -11.91 -16.81 5.46
N LEU D 88 -11.55 -15.56 5.74
CA LEU D 88 -11.13 -15.12 7.06
C LEU D 88 -12.14 -14.12 7.61
N SER D 89 -12.60 -14.37 8.84
CA SER D 89 -13.58 -13.48 9.45
C SER D 89 -12.98 -12.14 9.82
N GLN D 90 -11.71 -12.12 10.17
CA GLN D 90 -10.99 -10.87 10.41
C GLN D 90 -9.54 -11.08 10.01
N PRO D 91 -8.84 -10.02 9.62
CA PRO D 91 -7.46 -10.16 9.14
C PRO D 91 -6.58 -10.92 10.13
N LYS D 92 -5.76 -11.82 9.60
CA LYS D 92 -4.78 -12.56 10.38
C LYS D 92 -3.44 -11.85 10.32
N ILE D 93 -2.85 -11.61 11.48
CA ILE D 93 -1.54 -10.98 11.59
C ILE D 93 -0.53 -12.06 11.97
N VAL D 94 0.50 -12.22 11.14
CA VAL D 94 1.59 -13.14 11.41
C VAL D 94 2.84 -12.32 11.66
N LYS D 95 3.41 -12.43 12.86
CA LYS D 95 4.61 -11.70 13.20
C LYS D 95 5.82 -12.34 12.55
N TRP D 96 6.80 -11.51 12.20
CA TRP D 96 8.05 -12.00 11.66
C TRP D 96 8.90 -12.57 12.78
N ASP D 97 9.23 -13.85 12.69
CA ASP D 97 10.16 -14.52 13.60
C ASP D 97 11.40 -14.86 12.78
N ARG D 98 12.53 -14.24 13.12
CA ARG D 98 13.73 -14.40 12.32
C ARG D 98 14.25 -15.84 12.31
N ASP D 99 13.75 -16.71 13.19
CA ASP D 99 14.12 -18.12 13.20
C ASP D 99 13.25 -18.97 12.28
N MET D 100 12.35 -18.37 11.51
CA MET D 100 11.44 -19.15 10.67
C MET D 100 11.34 -18.59 9.25
N GLN E 1 13.42 26.64 12.73
CA GLN E 1 14.18 25.78 13.62
C GLN E 1 13.34 25.44 14.85
N ALA E 2 13.34 24.16 15.22
CA ALA E 2 12.47 23.69 16.30
C ALA E 2 13.01 24.15 17.65
N SER E 3 12.09 24.33 18.60
CA SER E 3 12.48 24.66 19.97
C SER E 3 13.18 23.47 20.61
N GLN E 4 14.23 23.75 21.37
CA GLN E 4 14.99 22.72 22.06
C GLN E 4 14.63 22.62 23.54
N GLU E 5 13.70 23.43 24.02
CA GLU E 5 13.35 23.39 25.44
C GLU E 5 12.64 22.08 25.77
N VAL E 6 13.13 21.41 26.81
CA VAL E 6 12.58 20.12 27.21
C VAL E 6 11.32 20.34 28.03
N LYS E 7 10.29 19.58 27.73
CA LYS E 7 8.97 19.68 28.37
C LYS E 7 8.70 18.38 29.10
N ASN E 8 9.05 18.33 30.39
CA ASN E 8 8.80 17.16 31.22
C ASN E 8 7.47 17.32 31.92
N TRP E 9 6.57 16.37 31.72
CA TRP E 9 5.20 16.50 32.22
C TRP E 9 5.11 16.19 33.70
N GLN F 1 6.45 -18.12 -26.43
CA GLN F 1 5.34 -17.50 -27.11
C GLN F 1 4.02 -18.20 -26.80
N ALA F 2 3.06 -17.36 -26.45
CA ALA F 2 1.74 -17.78 -26.12
C ALA F 2 0.91 -18.29 -27.33
N SER F 3 0.05 -19.26 -27.05
CA SER F 3 -0.89 -19.81 -28.01
C SER F 3 -1.89 -18.74 -28.39
N GLN F 4 -2.24 -18.74 -29.65
CA GLN F 4 -3.21 -17.81 -30.18
C GLN F 4 -4.56 -18.48 -30.43
N GLU F 5 -4.63 -19.78 -30.19
CA GLU F 5 -5.87 -20.47 -30.44
C GLU F 5 -6.97 -19.96 -29.51
N VAL F 6 -8.06 -19.56 -30.16
CA VAL F 6 -9.19 -19.05 -29.49
C VAL F 6 -10.00 -20.20 -28.91
N LYS F 7 -10.32 -20.06 -27.64
CA LYS F 7 -11.10 -21.04 -26.94
C LYS F 7 -12.43 -20.41 -26.52
N ASN F 8 -13.45 -20.74 -27.30
CA ASN F 8 -14.80 -20.26 -27.13
C ASN F 8 -15.61 -21.34 -26.43
N TRP F 9 -16.10 -20.98 -25.25
CA TRP F 9 -16.84 -21.90 -24.40
C TRP F 9 -18.28 -22.27 -24.85
#